data_9HLE
#
_entry.id   9HLE
#
_cell.length_a   64.418
_cell.length_b   162.346
_cell.length_c   148.765
_cell.angle_alpha   90
_cell.angle_beta   90
_cell.angle_gamma   90
#
_symmetry.space_group_name_H-M   'C 2 2 21'
#
loop_
_entity.id
_entity.type
_entity.pdbx_description
1 polymer 'Copper transporter MctB'
2 non-polymer 'CADMIUM ION'
3 non-polymer 'ACETIC ACID'
4 non-polymer 'TETRAETHYLENE GLYCOL'
5 water water
#
_entity_poly.entity_id   1
_entity_poly.type   'polypeptide(L)'
_entity_poly.pdbx_seq_one_letter_code
;RSEKRDLYTQIDRLTDQRDALREKLSAADNFDIQVGSRIVHDALVGKSVVIFRTPDAHDDDIAAVSKIVGQAGGAVTATV
SLTQEFVEANSAEKLRSVVNSSILPAGSQLSTKLVDQGSQAGDLLGIALLSNADPAAPTVEQAQRDTVLAALRETGFITY
QPRDRIGTANATVVVTGGALSTDAGNQGVSVARFAAALAPRGSGTLLAGRDGSANRPAAVAVTRADADMAAEISTVDDID
AEPGRITVILALHDLINGGHVGHYGTGHGAMSVTVSQ
;
_entity_poly.pdbx_strand_id   A,B,C
#
loop_
_chem_comp.id
_chem_comp.type
_chem_comp.name
_chem_comp.formula
ACY non-polymer 'ACETIC ACID' 'C2 H4 O2'
CD non-polymer 'CADMIUM ION' 'Cd 2'
PG4 non-polymer 'TETRAETHYLENE GLYCOL' 'C8 H18 O5'
#
# COMPACT_ATOMS: atom_id res chain seq x y z
N GLN A 10 -34.37 -17.84 -10.60
CA GLN A 10 -33.30 -16.86 -10.51
C GLN A 10 -32.61 -16.69 -11.86
N ILE A 11 -32.27 -17.80 -12.50
CA ILE A 11 -31.60 -17.81 -13.81
C ILE A 11 -32.46 -17.10 -14.84
N ASP A 12 -33.78 -17.37 -14.89
CA ASP A 12 -34.66 -16.70 -15.82
C ASP A 12 -34.69 -15.20 -15.60
N ARG A 13 -34.92 -14.76 -14.36
CA ARG A 13 -34.99 -13.34 -14.06
C ARG A 13 -33.66 -12.65 -14.37
N LEU A 14 -32.52 -13.24 -13.99
CA LEU A 14 -31.21 -12.65 -14.28
C LEU A 14 -30.94 -12.54 -15.78
N THR A 15 -31.31 -13.55 -16.59
CA THR A 15 -31.09 -13.48 -18.04
C THR A 15 -32.01 -12.45 -18.70
N ASP A 16 -33.31 -12.38 -18.29
CA ASP A 16 -34.20 -11.36 -18.86
C ASP A 16 -33.71 -9.96 -18.49
N GLN A 17 -33.24 -9.78 -17.25
CA GLN A 17 -32.74 -8.47 -16.83
C GLN A 17 -31.50 -8.10 -17.64
N ARG A 18 -30.54 -9.04 -17.77
CA ARG A 18 -29.31 -8.84 -18.54
C ARG A 18 -29.60 -8.54 -20.02
N ASP A 19 -30.55 -9.28 -20.63
CA ASP A 19 -30.92 -9.09 -22.04
C ASP A 19 -31.54 -7.70 -22.27
N ALA A 20 -32.39 -7.23 -21.34
CA ALA A 20 -33.00 -5.91 -21.46
C ALA A 20 -31.97 -4.79 -21.24
N LEU A 21 -30.99 -5.01 -20.35
CA LEU A 21 -29.94 -4.04 -20.06
C LEU A 21 -28.99 -3.91 -21.23
N ARG A 22 -28.66 -5.02 -21.91
CA ARG A 22 -27.80 -5.02 -23.09
C ARG A 22 -28.44 -4.14 -24.19
N GLU A 23 -29.76 -4.26 -24.40
CA GLU A 23 -30.48 -3.47 -25.40
C GLU A 23 -30.43 -1.99 -24.99
N LYS A 24 -30.69 -1.69 -23.71
CA LYS A 24 -30.69 -0.31 -23.24
C LYS A 24 -29.31 0.34 -23.33
N LEU A 25 -28.25 -0.45 -23.08
CA LEU A 25 -26.88 0.09 -23.13
C LEU A 25 -26.46 0.40 -24.56
N SER A 26 -26.90 -0.40 -25.55
CA SER A 26 -26.54 -0.14 -26.94
C SER A 26 -27.10 1.21 -27.42
N ALA A 27 -28.30 1.59 -26.95
CA ALA A 27 -28.88 2.88 -27.29
C ALA A 27 -28.09 4.00 -26.61
N ALA A 28 -27.64 3.78 -25.35
CA ALA A 28 -26.88 4.77 -24.59
C ALA A 28 -25.53 4.99 -25.20
N ASP A 29 -24.86 3.91 -25.61
CA ASP A 29 -23.57 3.96 -26.27
C ASP A 29 -23.70 4.66 -27.62
N ASN A 30 -24.79 4.38 -28.36
CA ASN A 30 -25.04 4.99 -29.67
C ASN A 30 -25.15 6.51 -29.54
N PHE A 31 -25.84 7.00 -28.50
CA PHE A 31 -26.02 8.43 -28.28
C PHE A 31 -24.67 9.08 -28.00
N ASP A 32 -23.89 8.51 -27.07
CA ASP A 32 -22.58 9.05 -26.70
C ASP A 32 -21.59 9.05 -27.87
N ILE A 33 -21.58 8.00 -28.70
CA ILE A 33 -20.73 7.96 -29.89
C ILE A 33 -21.17 9.06 -30.86
N GLN A 34 -22.48 9.21 -31.08
CA GLN A 34 -22.99 10.21 -32.02
C GLN A 34 -22.74 11.68 -31.60
N VAL A 35 -22.78 11.99 -30.31
CA VAL A 35 -22.54 13.35 -29.84
C VAL A 35 -21.11 13.58 -29.30
N GLY A 36 -20.24 12.57 -29.39
CA GLY A 36 -18.87 12.67 -28.90
C GLY A 36 -18.08 13.86 -29.41
N SER A 37 -18.13 14.10 -30.73
CA SER A 37 -17.40 15.22 -31.32
C SER A 37 -17.87 16.57 -30.79
N ARG A 38 -19.15 16.68 -30.43
CA ARG A 38 -19.67 17.91 -29.85
C ARG A 38 -19.13 18.07 -28.43
N ILE A 39 -19.07 16.99 -27.65
CA ILE A 39 -18.54 17.01 -26.29
C ILE A 39 -17.07 17.43 -26.27
N VAL A 40 -16.24 16.86 -27.15
CA VAL A 40 -14.80 17.16 -27.15
C VAL A 40 -14.38 18.28 -28.08
N HIS A 41 -15.32 19.02 -28.67
CA HIS A 41 -15.00 20.11 -29.57
C HIS A 41 -13.97 21.14 -28.98
N ASP A 42 -12.82 21.33 -29.66
CA ASP A 42 -11.71 22.24 -29.30
C ASP A 42 -10.92 21.84 -28.07
N ALA A 43 -11.13 20.64 -27.52
CA ALA A 43 -10.43 20.22 -26.33
C ALA A 43 -8.92 20.05 -26.52
N LEU A 44 -8.46 19.62 -27.70
CA LEU A 44 -7.03 19.38 -27.91
C LEU A 44 -6.50 20.06 -29.16
N VAL A 45 -7.08 21.21 -29.54
CA VAL A 45 -6.67 21.95 -30.73
C VAL A 45 -5.19 22.32 -30.66
N GLY A 46 -4.45 21.98 -31.72
CA GLY A 46 -3.03 22.26 -31.84
C GLY A 46 -2.13 21.45 -30.93
N LYS A 47 -2.68 20.43 -30.24
CA LYS A 47 -1.91 19.59 -29.32
C LYS A 47 -1.60 18.20 -29.89
N SER A 48 -0.43 17.65 -29.52
CA SER A 48 0.01 16.31 -29.94
C SER A 48 0.02 15.39 -28.73
N VAL A 49 -0.37 14.14 -28.94
CA VAL A 49 -0.45 13.17 -27.85
C VAL A 49 0.30 11.92 -28.26
N VAL A 50 1.09 11.34 -27.33
CA VAL A 50 1.75 10.06 -27.58
C VAL A 50 1.05 9.03 -26.69
N ILE A 51 0.69 7.88 -27.25
CA ILE A 51 0.02 6.84 -26.48
C ILE A 51 0.95 5.70 -26.14
N PHE A 52 0.99 5.28 -24.87
CA PHE A 52 1.73 4.09 -24.47
C PHE A 52 0.69 3.03 -24.11
N ARG A 53 0.91 1.74 -24.43
CA ARG A 53 -0.03 0.69 -24.07
C ARG A 53 0.69 -0.47 -23.42
N THR A 54 0.05 -1.08 -22.42
CA THR A 54 0.63 -2.26 -21.76
C THR A 54 0.20 -3.51 -22.54
N PRO A 55 0.78 -4.69 -22.25
CA PRO A 55 0.37 -5.91 -22.97
C PRO A 55 -1.12 -6.26 -22.85
N ASP A 56 -1.74 -5.94 -21.71
CA ASP A 56 -3.14 -6.28 -21.52
C ASP A 56 -4.12 -5.20 -22.06
N ALA A 57 -3.61 -4.11 -22.69
CA ALA A 57 -4.49 -3.08 -23.24
C ALA A 57 -5.24 -3.59 -24.47
N HIS A 58 -6.46 -3.10 -24.71
CA HIS A 58 -7.28 -3.54 -25.85
C HIS A 58 -7.15 -2.58 -27.02
N ASP A 59 -7.06 -3.14 -28.23
CA ASP A 59 -6.96 -2.39 -29.49
C ASP A 59 -8.13 -1.45 -29.68
N ASP A 60 -9.37 -1.92 -29.43
CA ASP A 60 -10.55 -1.10 -29.63
C ASP A 60 -10.61 0.10 -28.69
N ASP A 61 -10.10 -0.06 -27.45
CA ASP A 61 -10.07 1.05 -26.50
C ASP A 61 -9.09 2.12 -26.99
N ILE A 62 -7.91 1.71 -27.47
CA ILE A 62 -6.91 2.64 -27.98
C ILE A 62 -7.38 3.30 -29.29
N ALA A 63 -8.06 2.57 -30.17
CA ALA A 63 -8.57 3.15 -31.42
C ALA A 63 -9.66 4.18 -31.14
N ALA A 64 -10.52 3.92 -30.13
CA ALA A 64 -11.57 4.88 -29.79
C ALA A 64 -10.93 6.16 -29.22
N VAL A 65 -9.93 6.01 -28.33
CA VAL A 65 -9.22 7.16 -27.76
C VAL A 65 -8.49 7.95 -28.87
N SER A 66 -7.81 7.26 -29.78
CA SER A 66 -7.10 7.91 -30.88
C SER A 66 -8.06 8.74 -31.76
N LYS A 67 -9.25 8.19 -32.08
CA LYS A 67 -10.30 8.84 -32.87
C LYS A 67 -10.84 10.08 -32.15
N ILE A 68 -11.10 9.97 -30.83
CA ILE A 68 -11.64 11.09 -30.08
C ILE A 68 -10.60 12.22 -29.96
N VAL A 69 -9.29 11.88 -29.92
CA VAL A 69 -8.22 12.90 -29.91
C VAL A 69 -8.32 13.74 -31.19
N GLY A 70 -8.54 13.08 -32.33
CA GLY A 70 -8.71 13.75 -33.62
C GLY A 70 -9.97 14.59 -33.69
N GLN A 71 -11.08 14.07 -33.14
CA GLN A 71 -12.34 14.84 -33.10
C GLN A 71 -12.18 16.10 -32.21
N ALA A 72 -11.27 16.05 -31.22
CA ALA A 72 -10.94 17.17 -30.33
C ALA A 72 -9.93 18.15 -30.95
N GLY A 73 -9.55 17.97 -32.20
CA GLY A 73 -8.61 18.86 -32.88
C GLY A 73 -7.15 18.52 -32.67
N GLY A 74 -6.86 17.44 -31.95
CA GLY A 74 -5.51 17.02 -31.65
C GLY A 74 -4.98 15.98 -32.62
N ALA A 75 -3.77 15.48 -32.36
CA ALA A 75 -3.14 14.47 -33.21
C ALA A 75 -2.35 13.48 -32.36
N VAL A 76 -2.26 12.22 -32.80
CA VAL A 76 -1.49 11.19 -32.11
C VAL A 76 -0.16 10.98 -32.83
N THR A 77 0.98 11.26 -32.16
CA THR A 77 2.29 11.14 -32.82
C THR A 77 2.75 9.70 -32.96
N ALA A 78 2.40 8.84 -32.01
CA ALA A 78 2.82 7.45 -31.99
C ALA A 78 2.03 6.63 -30.97
N THR A 79 1.96 5.31 -31.17
CA THR A 79 1.45 4.34 -30.22
C THR A 79 2.63 3.45 -29.90
N VAL A 80 3.14 3.50 -28.67
CA VAL A 80 4.29 2.73 -28.25
C VAL A 80 3.84 1.61 -27.32
N SER A 81 4.10 0.36 -27.70
CA SER A 81 3.72 -0.77 -26.88
C SER A 81 4.82 -1.11 -25.91
N LEU A 82 4.48 -1.25 -24.64
CA LEU A 82 5.40 -1.68 -23.58
C LEU A 82 5.27 -3.20 -23.57
N THR A 83 6.38 -3.93 -23.67
CA THR A 83 6.33 -5.39 -23.75
C THR A 83 6.17 -6.06 -22.36
N GLN A 84 5.94 -7.38 -22.33
CA GLN A 84 5.88 -8.17 -21.10
C GLN A 84 7.23 -8.05 -20.35
N GLU A 85 8.33 -8.05 -21.07
CA GLU A 85 9.69 -7.89 -20.52
C GLU A 85 9.82 -6.53 -19.78
N PHE A 86 9.26 -5.46 -20.36
CA PHE A 86 9.30 -4.16 -19.71
C PHE A 86 8.47 -4.15 -18.41
N VAL A 87 7.17 -4.50 -18.46
CA VAL A 87 6.29 -4.43 -17.29
C VAL A 87 6.71 -5.38 -16.18
N GLU A 88 7.30 -6.55 -16.50
CA GLU A 88 7.65 -7.57 -15.47
C GLU A 88 8.91 -7.23 -14.64
N ALA A 89 9.52 -6.06 -14.86
CA ALA A 89 10.63 -5.52 -14.06
C ALA A 89 11.74 -6.52 -13.69
N ASN A 90 11.99 -7.49 -14.55
CA ASN A 90 13.10 -8.42 -14.33
C ASN A 90 14.33 -7.98 -15.16
N SER A 91 14.41 -6.66 -15.54
CA SER A 91 15.46 -6.12 -16.38
C SER A 91 15.77 -4.62 -16.12
N ALA A 92 15.81 -4.17 -14.83
CA ALA A 92 16.19 -2.78 -14.53
C ALA A 92 17.67 -2.52 -14.92
N GLU A 93 18.53 -3.47 -14.61
CA GLU A 93 19.94 -3.41 -14.95
C GLU A 93 20.15 -3.49 -16.47
N LYS A 94 19.32 -4.30 -17.16
CA LYS A 94 19.38 -4.45 -18.61
C LYS A 94 19.03 -3.13 -19.28
N LEU A 95 17.95 -2.47 -18.85
CA LEU A 95 17.51 -1.18 -19.39
C LEU A 95 18.64 -0.12 -19.32
N ARG A 96 19.25 0.05 -18.15
CA ARG A 96 20.34 1.01 -17.98
C ARG A 96 21.59 0.65 -18.81
N SER A 97 21.84 -0.64 -19.07
CA SER A 97 23.01 -1.05 -19.85
C SER A 97 22.93 -0.70 -21.34
N VAL A 98 21.70 -0.58 -21.88
CA VAL A 98 21.54 -0.29 -23.31
C VAL A 98 21.24 1.19 -23.56
N VAL A 99 20.36 1.81 -22.74
CA VAL A 99 19.99 3.22 -22.89
C VAL A 99 19.35 3.73 -21.61
N ASN A 100 19.80 4.88 -21.12
CA ASN A 100 19.22 5.49 -19.92
C ASN A 100 19.10 7.02 -20.06
N SER A 101 18.23 7.64 -19.25
CA SER A 101 17.95 9.07 -19.32
C SER A 101 19.15 9.98 -19.08
N SER A 102 20.24 9.43 -18.49
CA SER A 102 21.43 10.24 -18.23
C SER A 102 22.23 10.57 -19.48
N ILE A 103 21.95 9.91 -20.64
CA ILE A 103 22.68 10.16 -21.88
C ILE A 103 22.02 11.21 -22.80
N LEU A 104 20.83 11.72 -22.44
CA LEU A 104 20.08 12.71 -23.20
C LEU A 104 20.21 14.14 -22.64
N PRO A 105 19.98 15.19 -23.46
CA PRO A 105 20.07 16.56 -22.94
C PRO A 105 18.91 16.94 -22.02
N VAL A 115 15.98 4.54 -9.97
CA VAL A 115 16.63 3.23 -9.91
C VAL A 115 15.67 2.10 -10.41
N ASP A 116 14.37 2.16 -10.05
CA ASP A 116 13.43 1.14 -10.50
C ASP A 116 13.14 1.32 -12.00
N GLN A 117 12.80 0.22 -12.68
CA GLN A 117 12.57 0.20 -14.10
C GLN A 117 11.52 1.21 -14.60
N GLY A 118 10.39 1.31 -13.89
CA GLY A 118 9.29 2.20 -14.26
C GLY A 118 9.73 3.66 -14.31
N SER A 119 10.39 4.13 -13.26
CA SER A 119 10.83 5.53 -13.19
C SER A 119 11.89 5.82 -14.25
N GLN A 120 12.86 4.92 -14.40
CA GLN A 120 13.95 5.13 -15.35
C GLN A 120 13.43 5.20 -16.77
N ALA A 121 12.56 4.26 -17.16
CA ALA A 121 12.00 4.24 -18.51
C ALA A 121 11.08 5.41 -18.78
N GLY A 122 10.32 5.83 -17.77
CA GLY A 122 9.41 6.97 -17.91
C GLY A 122 10.16 8.26 -18.11
N ASP A 123 11.27 8.41 -17.39
CA ASP A 123 12.10 9.59 -17.51
C ASP A 123 12.76 9.62 -18.89
N LEU A 124 13.32 8.49 -19.34
CA LEU A 124 13.96 8.36 -20.65
C LEU A 124 12.98 8.59 -21.82
N LEU A 125 11.83 7.87 -21.84
CA LEU A 125 10.84 8.02 -22.90
C LEU A 125 10.14 9.38 -22.87
N GLY A 126 10.03 9.98 -21.69
CA GLY A 126 9.47 11.32 -21.55
C GLY A 126 10.37 12.36 -22.19
N ILE A 127 11.68 12.28 -21.94
CA ILE A 127 12.64 13.21 -22.57
C ILE A 127 12.63 12.99 -24.09
N ALA A 128 12.62 11.71 -24.52
CA ALA A 128 12.68 11.37 -25.94
C ALA A 128 11.41 11.69 -26.74
N LEU A 129 10.21 11.55 -26.16
CA LEU A 129 8.95 11.70 -26.88
C LEU A 129 8.07 12.87 -26.50
N LEU A 130 8.33 13.53 -25.37
CA LEU A 130 7.50 14.66 -24.93
C LEU A 130 8.29 15.97 -24.99
N SER A 131 7.59 17.10 -25.19
CA SER A 131 8.19 18.41 -25.18
C SER A 131 7.95 19.01 -23.81
N ASN A 132 9.04 19.38 -23.14
CA ASN A 132 9.00 19.95 -21.80
C ASN A 132 8.19 21.23 -21.79
N ALA A 133 7.34 21.41 -20.77
CA ALA A 133 6.54 22.62 -20.65
C ALA A 133 7.45 23.80 -20.33
N ALA A 137 14.72 23.87 -21.02
CA ALA A 137 15.07 22.48 -21.33
C ALA A 137 15.57 22.36 -22.77
N PRO A 138 16.63 21.57 -23.00
CA PRO A 138 17.13 21.41 -24.38
C PRO A 138 16.20 20.55 -25.26
N THR A 139 16.07 20.95 -26.53
CA THR A 139 15.25 20.21 -27.49
C THR A 139 15.97 18.93 -27.86
N VAL A 140 15.26 17.79 -27.92
CA VAL A 140 15.86 16.53 -28.32
C VAL A 140 15.74 16.40 -29.82
N GLU A 141 16.89 16.31 -30.52
CA GLU A 141 16.83 16.21 -31.98
C GLU A 141 16.45 14.81 -32.45
N GLN A 142 15.92 14.72 -33.68
CA GLN A 142 15.42 13.47 -34.26
C GLN A 142 16.35 12.27 -34.07
N ALA A 143 17.65 12.42 -34.38
CA ALA A 143 18.62 11.31 -34.27
C ALA A 143 18.76 10.74 -32.85
N GLN A 144 18.70 11.60 -31.82
CA GLN A 144 18.78 11.14 -30.45
C GLN A 144 17.51 10.35 -30.12
N ARG A 145 16.34 10.86 -30.55
CA ARG A 145 15.06 10.17 -30.32
C ARG A 145 15.08 8.80 -31.02
N ASP A 146 15.45 8.74 -32.30
CA ASP A 146 15.49 7.49 -33.07
C ASP A 146 16.45 6.49 -32.46
N THR A 147 17.62 6.95 -31.95
CA THR A 147 18.58 6.07 -31.31
C THR A 147 18.00 5.45 -30.03
N VAL A 148 17.29 6.25 -29.22
CA VAL A 148 16.67 5.76 -28.00
C VAL A 148 15.59 4.70 -28.33
N LEU A 149 14.71 4.99 -29.31
CA LEU A 149 13.62 4.08 -29.72
C LEU A 149 14.17 2.78 -30.29
N ALA A 150 15.21 2.87 -31.13
CA ALA A 150 15.85 1.70 -31.72
C ALA A 150 16.51 0.80 -30.65
N ALA A 151 17.19 1.41 -29.65
CA ALA A 151 17.84 0.65 -28.58
C ALA A 151 16.81 -0.11 -27.73
N LEU A 152 15.68 0.54 -27.37
CA LEU A 152 14.67 -0.11 -26.55
C LEU A 152 13.96 -1.21 -27.30
N ARG A 153 13.75 -1.04 -28.62
CA ARG A 153 13.09 -2.08 -29.41
C ARG A 153 14.03 -3.28 -29.60
N GLU A 154 15.31 -3.00 -29.87
CA GLU A 154 16.30 -4.05 -30.07
C GLU A 154 16.47 -4.94 -28.84
N THR A 155 16.31 -4.36 -27.64
CA THR A 155 16.50 -5.12 -26.42
C THR A 155 15.19 -5.70 -25.83
N GLY A 156 14.09 -5.63 -26.59
CA GLY A 156 12.81 -6.22 -26.19
C GLY A 156 11.92 -5.42 -25.26
N PHE A 157 12.22 -4.13 -25.05
CA PHE A 157 11.41 -3.32 -24.14
C PHE A 157 10.16 -2.70 -24.78
N ILE A 158 10.27 -2.25 -26.03
CA ILE A 158 9.13 -1.62 -26.71
C ILE A 158 9.03 -2.06 -28.17
N THR A 159 7.85 -1.84 -28.77
CA THR A 159 7.56 -1.86 -30.19
C THR A 159 6.77 -0.53 -30.45
N TYR A 160 6.76 -0.01 -31.69
CA TYR A 160 6.07 1.25 -31.93
C TYR A 160 5.55 1.45 -33.34
N GLN A 161 4.50 2.26 -33.45
CA GLN A 161 3.87 2.64 -34.71
C GLN A 161 3.64 4.15 -34.69
N PRO A 162 4.08 4.89 -35.71
CA PRO A 162 4.80 4.43 -36.90
C PRO A 162 6.27 4.09 -36.62
N ILE A 166 9.10 9.70 -35.84
CA ILE A 166 8.19 10.06 -34.75
C ILE A 166 8.51 11.45 -34.23
N GLY A 167 7.52 12.32 -34.21
CA GLY A 167 7.70 13.67 -33.71
C GLY A 167 7.55 13.77 -32.20
N THR A 168 7.71 14.96 -31.66
CA THR A 168 7.57 15.18 -30.24
C THR A 168 6.08 15.49 -29.91
N ALA A 169 5.63 15.07 -28.72
CA ALA A 169 4.25 15.28 -28.31
C ALA A 169 4.15 16.21 -27.09
N ASN A 170 3.01 16.85 -26.91
CA ASN A 170 2.78 17.73 -25.76
C ASN A 170 2.31 16.96 -24.54
N ALA A 171 1.51 15.92 -24.75
CA ALA A 171 0.89 15.19 -23.64
C ALA A 171 0.87 13.68 -23.91
N THR A 172 0.49 12.86 -22.90
CA THR A 172 0.46 11.42 -23.10
C THR A 172 -0.65 10.69 -22.35
N VAL A 173 -1.06 9.57 -22.93
CA VAL A 173 -2.01 8.69 -22.31
C VAL A 173 -1.34 7.32 -22.23
N VAL A 174 -1.31 6.75 -21.05
CA VAL A 174 -0.79 5.40 -20.84
C VAL A 174 -2.02 4.53 -20.68
N VAL A 175 -2.25 3.60 -21.60
CA VAL A 175 -3.45 2.76 -21.57
C VAL A 175 -3.11 1.35 -21.07
N THR A 176 -3.91 0.85 -20.12
CA THR A 176 -3.75 -0.48 -19.54
C THR A 176 -5.04 -1.32 -19.81
N GLY A 177 -5.07 -2.55 -19.34
CA GLY A 177 -6.25 -3.38 -19.39
C GLY A 177 -7.04 -3.15 -18.13
N GLY A 178 -7.75 -4.16 -17.70
CA GLY A 178 -8.55 -4.08 -16.49
C GLY A 178 -7.81 -4.57 -15.27
N ALA A 179 -8.45 -5.49 -14.55
CA ALA A 179 -7.84 -6.05 -13.35
C ALA A 179 -6.62 -6.90 -13.65
N LEU A 180 -5.67 -6.90 -12.72
CA LEU A 180 -4.49 -7.75 -12.78
C LEU A 180 -4.73 -8.87 -11.77
N SER A 181 -4.26 -10.08 -12.06
CA SER A 181 -4.45 -11.18 -11.14
C SER A 181 -3.51 -11.11 -9.93
N THR A 182 -2.31 -10.54 -10.11
CA THR A 182 -1.28 -10.55 -9.06
C THR A 182 -0.39 -9.31 -9.07
N ASN A 186 5.72 -6.80 -10.13
CA ASN A 186 4.91 -5.68 -9.63
C ASN A 186 4.52 -4.85 -10.86
N GLN A 187 3.81 -5.47 -11.82
CA GLN A 187 3.38 -4.89 -13.10
C GLN A 187 2.53 -3.62 -12.95
N GLY A 188 1.65 -3.59 -11.97
CA GLY A 188 0.82 -2.40 -11.72
C GLY A 188 1.70 -1.26 -11.23
N VAL A 189 2.57 -1.57 -10.28
CA VAL A 189 3.51 -0.59 -9.71
C VAL A 189 4.44 0.01 -10.76
N SER A 190 5.06 -0.85 -11.61
CA SER A 190 5.97 -0.36 -12.64
C SER A 190 5.28 0.57 -13.64
N VAL A 191 4.03 0.26 -14.01
CA VAL A 191 3.30 1.09 -14.96
C VAL A 191 2.86 2.43 -14.31
N ALA A 192 2.48 2.42 -13.03
CA ALA A 192 2.10 3.64 -12.32
C ALA A 192 3.34 4.53 -12.19
N ARG A 193 4.49 3.94 -11.84
CA ARG A 193 5.74 4.70 -11.69
C ARG A 193 6.22 5.21 -13.03
N PHE A 194 5.98 4.45 -14.12
CA PHE A 194 6.32 4.85 -15.50
C PHE A 194 5.50 6.11 -15.85
N ALA A 195 4.19 6.07 -15.62
CA ALA A 195 3.33 7.22 -15.90
C ALA A 195 3.72 8.45 -15.05
N ALA A 196 4.00 8.24 -13.76
CA ALA A 196 4.40 9.35 -12.87
C ALA A 196 5.73 10.00 -13.33
N ALA A 197 6.65 9.19 -13.89
CA ALA A 197 7.93 9.72 -14.36
C ALA A 197 7.80 10.47 -15.69
N LEU A 198 6.79 10.15 -16.51
CA LEU A 198 6.49 10.85 -17.76
C LEU A 198 5.94 12.25 -17.48
N ALA A 199 5.13 12.39 -16.40
CA ALA A 199 4.43 13.63 -16.05
C ALA A 199 5.28 14.91 -16.08
N PRO A 200 6.44 15.03 -15.40
CA PRO A 200 7.19 16.31 -15.48
C PRO A 200 7.84 16.58 -16.83
N ARG A 201 7.85 15.59 -17.74
CA ARG A 201 8.50 15.75 -19.04
C ARG A 201 7.63 16.38 -20.13
N GLY A 202 6.32 16.53 -19.87
CA GLY A 202 5.40 17.12 -20.81
C GLY A 202 4.37 18.02 -20.15
N SER A 203 3.27 18.30 -20.86
CA SER A 203 2.19 19.15 -20.39
C SER A 203 1.02 18.39 -19.76
N GLY A 204 1.13 17.08 -19.59
CA GLY A 204 0.06 16.30 -18.99
C GLY A 204 0.14 14.83 -19.33
N THR A 205 -0.04 13.99 -18.31
CA THR A 205 -0.04 12.54 -18.40
C THR A 205 -1.33 11.97 -17.79
N LEU A 206 -2.01 11.10 -18.54
CA LEU A 206 -3.19 10.45 -18.06
C LEU A 206 -3.01 8.94 -18.11
N LEU A 207 -3.37 8.24 -17.02
CA LEU A 207 -3.27 6.79 -16.97
C LEU A 207 -4.71 6.25 -17.09
N ALA A 208 -5.02 5.51 -18.14
CA ALA A 208 -6.38 5.02 -18.38
C ALA A 208 -6.43 3.51 -18.42
N GLY A 209 -7.34 2.92 -17.67
CA GLY A 209 -7.53 1.49 -17.66
C GLY A 209 -8.97 1.09 -17.89
N ARG A 210 -9.20 -0.21 -18.07
CA ARG A 210 -10.54 -0.76 -18.26
C ARG A 210 -11.15 -1.08 -16.91
N ASP A 211 -12.45 -1.41 -16.86
CA ASP A 211 -13.17 -1.75 -15.64
C ASP A 211 -12.41 -2.87 -14.88
N GLY A 212 -12.17 -2.63 -13.61
CA GLY A 212 -11.33 -3.52 -12.80
C GLY A 212 -9.96 -2.91 -12.52
N SER A 213 -9.54 -1.91 -13.33
CA SER A 213 -8.23 -1.26 -13.13
C SER A 213 -8.15 -0.42 -11.85
N ALA A 214 -9.31 -0.06 -11.27
CA ALA A 214 -9.36 0.69 -10.02
C ALA A 214 -9.15 -0.19 -8.77
N ASN A 215 -8.91 -1.51 -8.96
CA ASN A 215 -8.67 -2.47 -7.87
C ASN A 215 -7.21 -2.84 -7.90
N ARG A 216 -6.58 -2.99 -6.72
CA ARG A 216 -5.18 -3.43 -6.67
C ARG A 216 -5.07 -4.85 -7.24
N PRO A 217 -3.93 -5.21 -7.84
CA PRO A 217 -2.70 -4.42 -7.94
C PRO A 217 -2.53 -3.59 -9.23
N ALA A 218 -3.63 -3.36 -9.99
CA ALA A 218 -3.52 -2.62 -11.25
C ALA A 218 -2.99 -1.21 -11.06
N ALA A 219 -2.37 -0.65 -12.12
CA ALA A 219 -1.74 0.66 -12.11
C ALA A 219 -2.65 1.83 -11.72
N VAL A 220 -3.90 1.85 -12.17
CA VAL A 220 -4.82 2.93 -11.82
C VAL A 220 -5.06 2.93 -10.30
N ALA A 221 -5.23 1.75 -9.70
CA ALA A 221 -5.41 1.62 -8.26
C ALA A 221 -4.17 2.06 -7.48
N VAL A 222 -2.96 1.69 -7.95
CA VAL A 222 -1.73 2.09 -7.29
C VAL A 222 -1.60 3.62 -7.29
N THR A 223 -1.93 4.25 -8.42
CA THR A 223 -1.87 5.69 -8.56
C THR A 223 -2.83 6.41 -7.58
N ARG A 224 -4.12 5.97 -7.53
CA ARG A 224 -5.13 6.57 -6.68
C ARG A 224 -4.89 6.37 -5.20
N ALA A 225 -4.18 5.31 -4.82
CA ALA A 225 -3.88 5.09 -3.40
C ALA A 225 -2.62 5.83 -2.92
N ASP A 226 -1.85 6.46 -3.81
CA ASP A 226 -0.66 7.19 -3.41
C ASP A 226 -0.90 8.71 -3.61
N ALA A 227 -0.89 9.49 -2.51
CA ALA A 227 -1.15 10.95 -2.53
C ALA A 227 -0.33 11.68 -3.58
N ASP A 228 0.99 11.39 -3.67
CA ASP A 228 1.88 12.02 -4.66
C ASP A 228 1.48 11.71 -6.11
N MET A 229 1.30 10.43 -6.46
CA MET A 229 0.97 10.07 -7.82
C MET A 229 -0.40 10.59 -8.21
N ALA A 230 -1.37 10.52 -7.28
CA ALA A 230 -2.73 10.99 -7.56
C ALA A 230 -2.81 12.52 -7.77
N ALA A 231 -1.84 13.27 -7.24
CA ALA A 231 -1.78 14.71 -7.46
C ALA A 231 -0.97 15.08 -8.73
N GLU A 232 -0.30 14.12 -9.37
CA GLU A 232 0.57 14.35 -10.52
C GLU A 232 -0.05 13.95 -11.84
N ILE A 233 -0.83 12.86 -11.86
CA ILE A 233 -1.43 12.38 -13.11
C ILE A 233 -2.91 12.16 -12.96
N SER A 234 -3.65 12.29 -14.05
CA SER A 234 -5.09 12.01 -14.03
C SER A 234 -5.29 10.55 -14.35
N THR A 235 -6.47 10.01 -13.97
CA THR A 235 -6.78 8.61 -14.28
C THR A 235 -8.20 8.49 -14.75
N VAL A 236 -8.46 7.47 -15.56
CA VAL A 236 -9.78 7.06 -16.02
C VAL A 236 -9.80 5.54 -15.81
N ASP A 237 -10.83 5.00 -15.14
CA ASP A 237 -10.84 3.57 -14.85
C ASP A 237 -11.80 2.76 -15.71
N ASP A 238 -12.49 3.39 -16.69
CA ASP A 238 -13.48 2.69 -17.48
C ASP A 238 -13.34 2.96 -18.98
N ILE A 239 -12.12 2.81 -19.50
CA ILE A 239 -11.86 3.05 -20.94
C ILE A 239 -12.54 2.03 -21.86
N ASP A 240 -13.10 0.95 -21.30
CA ASP A 240 -13.87 -0.04 -22.06
C ASP A 240 -15.25 0.57 -22.46
N ALA A 241 -15.72 1.62 -21.75
CA ALA A 241 -17.01 2.24 -22.02
C ALA A 241 -16.84 3.60 -22.73
N GLU A 242 -17.85 4.03 -23.50
CA GLU A 242 -17.79 5.31 -24.20
C GLU A 242 -17.60 6.51 -23.26
N PRO A 243 -18.28 6.61 -22.09
CA PRO A 243 -18.00 7.73 -21.17
C PRO A 243 -16.52 7.83 -20.78
N GLY A 244 -15.88 6.69 -20.52
CA GLY A 244 -14.46 6.65 -20.19
C GLY A 244 -13.56 7.09 -21.32
N ARG A 245 -13.84 6.63 -22.55
CA ARG A 245 -13.04 7.03 -23.72
C ARG A 245 -13.11 8.54 -23.96
N ILE A 246 -14.30 9.12 -23.81
CA ILE A 246 -14.48 10.57 -23.98
C ILE A 246 -13.78 11.33 -22.85
N THR A 247 -13.92 10.83 -21.61
CA THR A 247 -13.33 11.44 -20.44
C THR A 247 -11.82 11.50 -20.53
N VAL A 248 -11.15 10.57 -21.23
CA VAL A 248 -9.69 10.64 -21.43
C VAL A 248 -9.32 11.97 -22.07
N ILE A 249 -10.07 12.37 -23.10
CA ILE A 249 -9.78 13.61 -23.81
C ILE A 249 -10.10 14.83 -22.95
N LEU A 250 -11.27 14.83 -22.29
CA LEU A 250 -11.67 15.95 -21.44
C LEU A 250 -10.68 16.16 -20.27
N ALA A 251 -10.29 15.07 -19.61
CA ALA A 251 -9.36 15.14 -18.51
C ALA A 251 -7.95 15.49 -18.97
N LEU A 252 -7.57 15.08 -20.18
CA LEU A 252 -6.28 15.46 -20.75
C LEU A 252 -6.27 16.98 -21.07
N HIS A 253 -7.40 17.51 -21.52
CA HIS A 253 -7.55 18.94 -21.79
C HIS A 253 -7.37 19.73 -20.47
N ASP A 254 -7.95 19.24 -19.36
CA ASP A 254 -7.80 19.88 -18.05
C ASP A 254 -6.37 19.87 -17.56
N LEU A 255 -5.63 18.80 -17.89
CA LEU A 255 -4.23 18.71 -17.50
C LEU A 255 -3.43 19.77 -18.27
N ILE A 256 -3.49 19.76 -19.61
CA ILE A 256 -2.75 20.67 -20.49
C ILE A 256 -3.09 22.13 -20.27
N ASN A 257 -4.38 22.46 -20.23
CA ASN A 257 -4.79 23.86 -20.16
C ASN A 257 -4.95 24.43 -18.76
N GLY A 258 -5.34 23.61 -17.81
CA GLY A 258 -5.58 24.10 -16.46
C GLY A 258 -4.65 23.58 -15.38
N GLY A 259 -3.78 22.62 -15.72
CA GLY A 259 -2.93 21.97 -14.74
C GLY A 259 -3.74 21.23 -13.69
N HIS A 260 -4.97 20.80 -14.04
CA HIS A 260 -5.88 20.15 -13.10
C HIS A 260 -5.95 18.66 -13.23
N VAL A 261 -5.66 17.95 -12.13
CA VAL A 261 -5.73 16.52 -12.10
C VAL A 261 -7.11 16.06 -11.67
N GLY A 262 -7.52 14.89 -12.14
CA GLY A 262 -8.82 14.32 -11.78
C GLY A 262 -8.80 12.81 -11.91
N HIS A 263 -9.65 12.13 -11.17
CA HIS A 263 -9.72 10.67 -11.20
C HIS A 263 -11.15 10.30 -11.50
N TYR A 264 -11.38 9.67 -12.66
CA TYR A 264 -12.72 9.46 -13.16
C TYR A 264 -13.12 8.03 -13.46
N GLY A 265 -14.41 7.79 -13.52
CA GLY A 265 -14.94 6.48 -13.86
C GLY A 265 -15.99 5.97 -12.89
N THR A 266 -16.05 4.66 -12.72
CA THR A 266 -17.03 3.99 -11.86
C THR A 266 -16.43 3.10 -10.77
N GLY A 267 -15.11 3.03 -10.68
CA GLY A 267 -14.45 2.20 -9.67
C GLY A 267 -13.99 2.96 -8.46
N HIS A 268 -13.30 2.25 -7.55
CA HIS A 268 -12.81 2.84 -6.32
C HIS A 268 -11.89 4.05 -6.57
N GLY A 269 -12.13 5.14 -5.84
CA GLY A 269 -11.30 6.33 -5.95
C GLY A 269 -11.73 7.30 -7.02
N ALA A 270 -12.76 6.97 -7.82
CA ALA A 270 -13.23 7.89 -8.83
C ALA A 270 -14.04 8.99 -8.16
N MET A 271 -13.72 10.26 -8.43
CA MET A 271 -14.46 11.37 -7.83
C MET A 271 -15.83 11.60 -8.51
N SER A 272 -15.95 11.18 -9.79
CA SER A 272 -17.17 11.28 -10.61
C SER A 272 -16.98 10.49 -11.91
N VAL A 273 -18.06 10.25 -12.66
CA VAL A 273 -17.95 9.55 -13.94
C VAL A 273 -17.09 10.34 -14.93
N THR A 274 -17.27 11.66 -14.98
CA THR A 274 -16.50 12.51 -15.89
C THR A 274 -16.14 13.89 -15.24
N VAL A 275 -15.48 14.79 -15.99
CA VAL A 275 -15.10 16.11 -15.52
C VAL A 275 -16.35 16.92 -15.10
N SER A 276 -16.27 17.59 -13.95
CA SER A 276 -17.41 18.37 -13.44
C SER A 276 -17.61 19.66 -14.25
N GLN A 277 -16.52 20.14 -14.85
CA GLN A 277 -16.38 21.29 -15.76
C GLN A 277 -15.09 21.10 -16.57
N ASP B 6 19.67 -19.78 -26.14
CA ASP B 6 19.54 -19.07 -24.88
C ASP B 6 18.09 -18.98 -24.43
N LEU B 7 17.14 -18.86 -25.37
CA LEU B 7 15.71 -18.81 -25.04
C LEU B 7 15.24 -20.20 -24.61
N TYR B 8 15.74 -21.26 -25.26
CA TYR B 8 15.41 -22.63 -24.89
C TYR B 8 16.01 -22.98 -23.52
N THR B 9 17.23 -22.50 -23.24
CA THR B 9 17.87 -22.74 -21.94
C THR B 9 17.11 -22.01 -20.83
N GLN B 10 16.61 -20.79 -21.12
CA GLN B 10 15.81 -20.01 -20.18
C GLN B 10 14.53 -20.78 -19.85
N ILE B 11 13.84 -21.30 -20.88
CA ILE B 11 12.62 -22.07 -20.73
C ILE B 11 12.86 -23.30 -19.85
N ASP B 12 13.95 -24.03 -20.10
CA ASP B 12 14.29 -25.19 -19.27
C ASP B 12 14.49 -24.80 -17.80
N ARG B 13 15.28 -23.75 -17.53
CA ARG B 13 15.55 -23.28 -16.17
C ARG B 13 14.29 -22.81 -15.46
N LEU B 14 13.44 -22.06 -16.16
CA LEU B 14 12.19 -21.55 -15.62
C LEU B 14 11.20 -22.66 -15.30
N THR B 15 11.04 -23.67 -16.17
CA THR B 15 10.12 -24.77 -15.86
C THR B 15 10.68 -25.58 -14.71
N ASP B 16 12.01 -25.82 -14.67
CA ASP B 16 12.62 -26.58 -13.57
C ASP B 16 12.40 -25.86 -12.24
N GLN B 17 12.56 -24.53 -12.23
CA GLN B 17 12.34 -23.71 -11.03
C GLN B 17 10.86 -23.72 -10.63
N ARG B 18 9.94 -23.50 -11.58
CA ARG B 18 8.50 -23.51 -11.28
C ARG B 18 8.03 -24.93 -10.83
N ASP B 19 8.52 -25.99 -11.48
CA ASP B 19 8.17 -27.36 -11.08
C ASP B 19 8.62 -27.65 -9.65
N ALA B 20 9.83 -27.18 -9.30
CA ALA B 20 10.34 -27.40 -7.96
C ALA B 20 9.60 -26.53 -6.93
N LEU B 21 9.09 -25.35 -7.32
CA LEU B 21 8.37 -24.46 -6.41
C LEU B 21 6.99 -25.02 -6.08
N ARG B 22 6.26 -25.56 -7.09
CA ARG B 22 4.94 -26.16 -6.84
C ARG B 22 5.09 -27.40 -5.94
N GLU B 23 6.21 -28.15 -6.07
CA GLU B 23 6.49 -29.30 -5.21
C GLU B 23 6.85 -28.85 -3.77
N LYS B 24 7.68 -27.81 -3.64
CA LYS B 24 8.05 -27.27 -2.33
C LYS B 24 6.83 -26.68 -1.62
N LEU B 25 5.94 -25.99 -2.33
CA LEU B 25 4.74 -25.42 -1.69
C LEU B 25 3.79 -26.53 -1.22
N SER B 26 3.70 -27.62 -1.99
CA SER B 26 2.89 -28.77 -1.64
C SER B 26 3.50 -29.47 -0.40
N ALA B 27 4.84 -29.51 -0.31
CA ALA B 27 5.52 -30.04 0.87
C ALA B 27 5.33 -29.15 2.11
N ALA B 28 5.38 -27.81 1.93
CA ALA B 28 5.18 -26.91 3.07
C ALA B 28 3.77 -27.06 3.62
N ASP B 29 2.77 -27.25 2.74
CA ASP B 29 1.40 -27.46 3.19
C ASP B 29 1.30 -28.83 3.90
N ASN B 30 1.94 -29.90 3.38
CA ASN B 30 1.94 -31.23 4.02
C ASN B 30 2.63 -31.19 5.40
N PHE B 31 3.72 -30.42 5.53
CA PHE B 31 4.40 -30.22 6.81
C PHE B 31 3.42 -29.57 7.81
N ASP B 32 2.76 -28.46 7.40
CA ASP B 32 1.78 -27.77 8.24
C ASP B 32 0.58 -28.65 8.62
N ILE B 33 0.13 -29.58 7.76
CA ILE B 33 -0.96 -30.51 8.10
C ILE B 33 -0.42 -31.48 9.19
N GLN B 34 0.80 -31.99 9.04
CA GLN B 34 1.39 -32.94 10.01
C GLN B 34 1.64 -32.32 11.40
N VAL B 35 2.03 -31.04 11.45
CA VAL B 35 2.30 -30.38 12.75
C VAL B 35 1.18 -29.44 13.21
N GLY B 36 0.08 -29.35 12.46
CA GLY B 36 -1.03 -28.46 12.75
C GLY B 36 -1.61 -28.65 14.13
N SER B 37 -1.86 -29.90 14.52
CA SER B 37 -2.45 -30.18 15.82
C SER B 37 -1.54 -29.71 16.96
N ARG B 38 -0.22 -29.72 16.76
CA ARG B 38 0.78 -29.21 17.72
C ARG B 38 0.72 -27.68 17.84
N ILE B 39 0.45 -27.00 16.72
CA ILE B 39 0.34 -25.55 16.69
C ILE B 39 -0.94 -25.08 17.39
N VAL B 40 -2.08 -25.73 17.09
CA VAL B 40 -3.36 -25.29 17.63
C VAL B 40 -3.78 -25.98 18.90
N HIS B 41 -2.91 -26.80 19.52
CA HIS B 41 -3.25 -27.51 20.74
C HIS B 41 -3.89 -26.66 21.83
N ASP B 42 -5.10 -27.04 22.25
CA ASP B 42 -5.88 -26.35 23.28
C ASP B 42 -6.32 -24.93 22.97
N ALA B 43 -6.18 -24.47 21.72
CA ALA B 43 -6.52 -23.08 21.39
C ALA B 43 -8.02 -22.74 21.47
N LEU B 44 -8.90 -23.72 21.31
CA LEU B 44 -10.34 -23.48 21.35
C LEU B 44 -11.04 -24.46 22.29
N VAL B 45 -10.38 -24.89 23.37
CA VAL B 45 -10.99 -25.83 24.32
C VAL B 45 -12.28 -25.27 24.92
N GLY B 46 -13.34 -26.06 24.86
CA GLY B 46 -14.66 -25.68 25.39
C GLY B 46 -15.37 -24.60 24.60
N LYS B 47 -14.85 -24.22 23.42
CA LYS B 47 -15.46 -23.18 22.59
C LYS B 47 -16.19 -23.73 21.36
N SER B 48 -17.25 -23.04 20.93
CA SER B 48 -18.03 -23.42 19.77
C SER B 48 -17.91 -22.36 18.69
N VAL B 49 -17.90 -22.77 17.42
CA VAL B 49 -17.75 -21.86 16.29
C VAL B 49 -18.80 -22.13 15.22
N VAL B 50 -19.43 -21.08 14.70
CA VAL B 50 -20.37 -21.23 13.59
C VAL B 50 -19.66 -20.74 12.32
N ILE B 51 -19.80 -21.47 11.21
CA ILE B 51 -19.16 -21.08 9.96
C ILE B 51 -20.18 -20.56 8.96
N PHE B 52 -19.94 -19.39 8.39
CA PHE B 52 -20.78 -18.86 7.30
C PHE B 52 -19.94 -18.93 6.04
N ARG B 53 -20.55 -19.27 4.90
CA ARG B 53 -19.78 -19.34 3.66
C ARG B 53 -20.48 -18.60 2.51
N THR B 54 -19.74 -17.86 1.68
CA THR B 54 -20.35 -17.17 0.53
C THR B 54 -20.44 -18.13 -0.65
N PRO B 55 -21.16 -17.79 -1.73
CA PRO B 55 -21.24 -18.73 -2.88
C PRO B 55 -19.89 -19.12 -3.49
N ASP B 56 -18.90 -18.21 -3.47
CA ASP B 56 -17.59 -18.51 -4.05
C ASP B 56 -16.62 -19.21 -3.08
N ALA B 57 -17.06 -19.54 -1.84
CA ALA B 57 -16.20 -20.24 -0.89
C ALA B 57 -15.96 -21.68 -1.35
N HIS B 58 -14.78 -22.25 -1.02
CA HIS B 58 -14.41 -23.62 -1.43
C HIS B 58 -14.67 -24.61 -0.30
N ASP B 59 -15.21 -25.78 -0.64
CA ASP B 59 -15.49 -26.87 0.30
C ASP B 59 -14.24 -27.29 1.05
N ASP B 60 -13.11 -27.49 0.35
CA ASP B 60 -11.89 -27.95 1.00
C ASP B 60 -11.36 -26.97 2.01
N ASP B 61 -11.51 -25.65 1.75
CA ASP B 61 -11.07 -24.62 2.71
C ASP B 61 -11.89 -24.71 3.98
N ILE B 62 -13.22 -24.85 3.84
CA ILE B 62 -14.12 -24.95 4.99
C ILE B 62 -13.90 -26.27 5.77
N ALA B 63 -13.65 -27.38 5.07
CA ALA B 63 -13.40 -28.66 5.73
C ALA B 63 -12.08 -28.62 6.52
N ALA B 64 -11.06 -27.94 5.97
CA ALA B 64 -9.78 -27.81 6.68
C ALA B 64 -9.95 -26.96 7.95
N VAL B 65 -10.70 -25.85 7.87
CA VAL B 65 -10.98 -25.02 9.05
C VAL B 65 -11.74 -25.81 10.12
N SER B 66 -12.81 -26.53 9.73
CA SER B 66 -13.60 -27.33 10.67
C SER B 66 -12.72 -28.37 11.39
N LYS B 67 -11.85 -29.05 10.65
CA LYS B 67 -10.95 -30.04 11.19
C LYS B 67 -9.96 -29.40 12.18
N ILE B 68 -9.39 -28.25 11.85
CA ILE B 68 -8.43 -27.58 12.73
C ILE B 68 -9.12 -27.07 14.00
N VAL B 69 -10.41 -26.65 13.90
CA VAL B 69 -11.18 -26.24 15.08
C VAL B 69 -11.26 -27.43 16.08
N GLY B 70 -11.53 -28.63 15.56
CA GLY B 70 -11.59 -29.85 16.36
C GLY B 70 -10.24 -30.23 16.93
N GLN B 71 -9.16 -30.10 16.14
CA GLN B 71 -7.80 -30.36 16.65
C GLN B 71 -7.43 -29.40 17.78
N ALA B 72 -8.02 -28.20 17.79
CA ALA B 72 -7.81 -27.18 18.83
C ALA B 72 -8.72 -27.38 20.07
N GLY B 73 -9.51 -28.45 20.11
CA GLY B 73 -10.39 -28.73 21.24
C GLY B 73 -11.77 -28.09 21.16
N GLY B 74 -12.05 -27.42 20.05
CA GLY B 74 -13.32 -26.76 19.84
C GLY B 74 -14.31 -27.60 19.05
N ALA B 75 -15.46 -27.01 18.73
CA ALA B 75 -16.49 -27.70 17.97
C ALA B 75 -17.15 -26.75 17.00
N VAL B 76 -17.57 -27.25 15.85
CA VAL B 76 -18.27 -26.47 14.85
C VAL B 76 -19.76 -26.76 15.01
N THR B 77 -20.56 -25.72 15.23
CA THR B 77 -21.99 -25.90 15.45
C THR B 77 -22.73 -26.12 14.15
N ALA B 78 -22.36 -25.39 13.10
CA ALA B 78 -23.07 -25.44 11.82
C ALA B 78 -22.27 -24.76 10.71
N THR B 79 -22.60 -25.09 9.45
CA THR B 79 -22.05 -24.42 8.29
C THR B 79 -23.26 -23.83 7.56
N VAL B 80 -23.36 -22.51 7.54
CA VAL B 80 -24.47 -21.80 6.94
C VAL B 80 -24.03 -21.16 5.64
N SER B 81 -24.64 -21.55 4.52
CA SER B 81 -24.31 -20.96 3.23
C SER B 81 -25.14 -19.74 2.98
N LEU B 82 -24.50 -18.64 2.61
CA LEU B 82 -25.17 -17.41 2.21
C LEU B 82 -25.38 -17.56 0.69
N THR B 83 -26.59 -17.37 0.21
CA THR B 83 -26.90 -17.55 -1.22
C THR B 83 -26.51 -16.34 -2.08
N GLN B 84 -26.62 -16.47 -3.42
CA GLN B 84 -26.37 -15.35 -4.33
C GLN B 84 -27.34 -14.19 -4.05
N GLU B 85 -28.58 -14.50 -3.68
CA GLU B 85 -29.61 -13.52 -3.30
C GLU B 85 -29.17 -12.75 -2.05
N PHE B 86 -28.53 -13.44 -1.10
CA PHE B 86 -28.01 -12.81 0.10
C PHE B 86 -26.89 -11.80 -0.21
N VAL B 87 -25.83 -12.23 -0.92
CA VAL B 87 -24.69 -11.36 -1.20
C VAL B 87 -25.05 -10.21 -2.16
N GLU B 88 -26.07 -10.39 -2.99
CA GLU B 88 -26.58 -9.37 -3.92
C GLU B 88 -27.06 -8.13 -3.14
N ALA B 89 -27.58 -8.34 -1.93
CA ALA B 89 -28.02 -7.33 -0.98
C ALA B 89 -28.99 -6.26 -1.52
N ASN B 90 -30.04 -6.70 -2.21
CA ASN B 90 -31.10 -5.80 -2.67
C ASN B 90 -32.50 -6.32 -2.34
N SER B 91 -32.61 -7.28 -1.42
CA SER B 91 -33.87 -7.83 -0.93
C SER B 91 -34.06 -7.42 0.54
N ALA B 92 -33.62 -6.19 0.89
CA ALA B 92 -33.68 -5.65 2.26
C ALA B 92 -35.12 -5.52 2.77
N GLU B 93 -36.07 -5.31 1.85
CA GLU B 93 -37.48 -5.25 2.18
C GLU B 93 -37.98 -6.65 2.57
N LYS B 94 -37.61 -7.68 1.80
CA LYS B 94 -38.01 -9.06 2.10
C LYS B 94 -37.35 -9.56 3.39
N LEU B 95 -36.12 -9.10 3.68
CA LEU B 95 -35.46 -9.49 4.92
C LEU B 95 -36.18 -8.87 6.11
N ARG B 96 -36.59 -7.60 6.00
CA ARG B 96 -37.29 -6.93 7.08
C ARG B 96 -38.63 -7.60 7.39
N SER B 97 -39.31 -8.15 6.37
CA SER B 97 -40.57 -8.88 6.58
C SER B 97 -40.38 -10.18 7.42
N VAL B 98 -39.14 -10.66 7.55
CA VAL B 98 -38.77 -11.84 8.32
C VAL B 98 -38.43 -11.40 9.75
N VAL B 99 -37.64 -10.31 9.90
CA VAL B 99 -37.24 -9.75 11.18
C VAL B 99 -38.45 -9.40 12.05
N ASN B 100 -39.49 -8.81 11.43
CA ASN B 100 -40.72 -8.44 12.13
C ASN B 100 -41.58 -9.64 12.53
N SER B 101 -41.42 -10.78 11.85
CA SER B 101 -42.18 -11.98 12.18
C SER B 101 -41.59 -12.72 13.38
N LEU B 114 -28.13 -1.67 11.06
CA LEU B 114 -28.36 -0.52 10.18
C LEU B 114 -29.56 -0.80 9.22
N VAL B 115 -29.63 -0.17 8.03
CA VAL B 115 -30.76 -0.37 7.12
C VAL B 115 -30.41 -1.35 5.96
N ASP B 116 -29.12 -1.47 5.61
CA ASP B 116 -28.70 -2.35 4.53
C ASP B 116 -28.83 -3.83 4.90
N GLN B 117 -29.09 -4.67 3.90
CA GLN B 117 -29.33 -6.10 4.10
C GLN B 117 -28.23 -6.82 4.86
N GLY B 118 -26.98 -6.58 4.49
CA GLY B 118 -25.83 -7.21 5.12
C GLY B 118 -25.82 -7.02 6.63
N SER B 119 -25.97 -5.76 7.07
CA SER B 119 -25.99 -5.44 8.49
C SER B 119 -27.19 -6.07 9.19
N GLN B 120 -28.42 -5.84 8.71
CA GLN B 120 -29.63 -6.40 9.33
C GLN B 120 -29.54 -7.93 9.48
N ALA B 121 -29.01 -8.61 8.45
CA ALA B 121 -28.88 -10.07 8.44
C ALA B 121 -27.85 -10.54 9.46
N GLY B 122 -26.76 -9.79 9.59
CA GLY B 122 -25.70 -10.12 10.53
C GLY B 122 -26.20 -10.00 11.96
N ASP B 123 -27.02 -8.98 12.23
CA ASP B 123 -27.58 -8.77 13.55
C ASP B 123 -28.56 -9.91 13.89
N LEU B 124 -29.46 -10.26 12.96
CA LEU B 124 -30.43 -11.34 13.15
C LEU B 124 -29.77 -12.73 13.33
N LEU B 125 -28.85 -13.12 12.43
CA LEU B 125 -28.17 -14.40 12.52
C LEU B 125 -27.19 -14.47 13.71
N GLY B 126 -26.65 -13.32 14.11
CA GLY B 126 -25.78 -13.24 15.28
C GLY B 126 -26.57 -13.52 16.54
N ILE B 127 -27.78 -12.95 16.68
CA ILE B 127 -28.63 -13.22 17.86
C ILE B 127 -29.04 -14.70 17.85
N ALA B 128 -29.40 -15.22 16.67
CA ALA B 128 -29.86 -16.61 16.55
C ALA B 128 -28.79 -17.69 16.73
N LEU B 129 -27.55 -17.44 16.28
CA LEU B 129 -26.51 -18.47 16.30
C LEU B 129 -25.35 -18.21 17.25
N LEU B 130 -25.23 -17.00 17.80
CA LEU B 130 -24.12 -16.69 18.68
C LEU B 130 -24.56 -16.29 20.09
N SER B 131 -23.66 -16.46 21.08
CA SER B 131 -23.91 -16.05 22.45
C SER B 131 -22.97 -14.90 22.77
N ASN B 132 -23.49 -13.82 23.38
CA ASN B 132 -22.72 -12.61 23.73
C ASN B 132 -21.48 -12.89 24.60
N ALA B 137 -27.38 -10.62 28.21
CA ALA B 137 -28.08 -10.90 26.96
C ALA B 137 -29.05 -12.07 27.13
N PRO B 138 -30.26 -11.99 26.56
CA PRO B 138 -31.23 -13.09 26.73
C PRO B 138 -30.83 -14.36 26.00
N THR B 139 -31.10 -15.52 26.59
CA THR B 139 -30.78 -16.79 25.94
C THR B 139 -31.80 -17.07 24.84
N VAL B 140 -31.33 -17.44 23.65
CA VAL B 140 -32.25 -17.75 22.54
C VAL B 140 -32.52 -19.23 22.61
N GLU B 141 -33.79 -19.64 22.82
CA GLU B 141 -34.10 -21.06 22.89
C GLU B 141 -34.15 -21.71 21.50
N GLN B 142 -33.97 -23.03 21.46
CA GLN B 142 -33.91 -23.81 20.24
C GLN B 142 -34.99 -23.49 19.20
N ALA B 143 -36.27 -23.42 19.63
CA ALA B 143 -37.36 -23.15 18.70
C ALA B 143 -37.28 -21.78 18.02
N GLN B 144 -36.81 -20.76 18.75
CA GLN B 144 -36.66 -19.43 18.15
C GLN B 144 -35.55 -19.49 17.10
N ARG B 145 -34.44 -20.16 17.41
CA ARG B 145 -33.35 -20.31 16.46
C ARG B 145 -33.80 -21.06 15.20
N ASP B 146 -34.45 -22.21 15.36
CA ASP B 146 -34.96 -23.01 14.24
C ASP B 146 -35.95 -22.23 13.38
N THR B 147 -36.83 -21.44 14.02
CA THR B 147 -37.81 -20.62 13.29
C THR B 147 -37.10 -19.56 12.45
N VAL B 148 -36.07 -18.91 12.98
CA VAL B 148 -35.33 -17.88 12.26
C VAL B 148 -34.62 -18.48 11.05
N LEU B 149 -33.92 -19.60 11.26
CA LEU B 149 -33.19 -20.25 10.18
C LEU B 149 -34.11 -20.76 9.08
N ALA B 150 -35.27 -21.33 9.45
CA ALA B 150 -36.25 -21.83 8.49
C ALA B 150 -36.87 -20.71 7.68
N ALA B 151 -37.19 -19.58 8.32
CA ALA B 151 -37.76 -18.44 7.61
C ALA B 151 -36.75 -17.87 6.62
N LEU B 152 -35.46 -17.81 7.00
CA LEU B 152 -34.40 -17.30 6.13
C LEU B 152 -34.09 -18.24 4.96
N ARG B 153 -34.26 -19.54 5.17
CA ARG B 153 -34.08 -20.52 4.10
C ARG B 153 -35.25 -20.47 3.12
N GLU B 154 -36.47 -20.35 3.64
CA GLU B 154 -37.67 -20.28 2.80
C GLU B 154 -37.70 -19.03 1.90
N THR B 155 -37.08 -17.94 2.37
CA THR B 155 -37.06 -16.71 1.59
C THR B 155 -35.77 -16.57 0.72
N GLY B 156 -34.99 -17.63 0.60
CA GLY B 156 -33.81 -17.68 -0.28
C GLY B 156 -32.51 -17.06 0.19
N PHE B 157 -32.42 -16.66 1.47
CA PHE B 157 -31.18 -16.05 1.96
C PHE B 157 -30.10 -17.06 2.33
N ILE B 158 -30.49 -18.18 2.97
CA ILE B 158 -29.51 -19.15 3.42
C ILE B 158 -29.93 -20.61 3.17
N THR B 159 -28.95 -21.52 3.24
CA THR B 159 -29.10 -22.97 3.35
C THR B 159 -28.15 -23.36 4.52
N TYR B 160 -28.38 -24.50 5.20
CA TYR B 160 -27.53 -24.84 6.35
C TYR B 160 -27.41 -26.31 6.62
N GLN B 161 -26.29 -26.70 7.22
CA GLN B 161 -25.99 -28.08 7.60
C GLN B 161 -25.43 -28.04 9.01
N PRO B 162 -25.97 -28.84 9.94
CA PRO B 162 -27.12 -29.75 9.77
C PRO B 162 -28.47 -29.03 9.71
N ARG B 163 -29.51 -29.68 9.22
CA ARG B 163 -30.82 -29.04 9.07
C ARG B 163 -31.57 -28.89 10.43
N ASP B 164 -31.16 -29.64 11.46
CA ASP B 164 -31.81 -29.59 12.78
C ASP B 164 -30.80 -29.70 13.93
N ARG B 165 -31.19 -29.19 15.11
CA ARG B 165 -30.42 -29.25 16.36
C ARG B 165 -29.11 -28.47 16.32
N ILE B 166 -29.13 -27.28 15.72
CA ILE B 166 -27.95 -26.43 15.69
C ILE B 166 -27.82 -25.73 17.04
N GLY B 167 -26.70 -25.89 17.70
CA GLY B 167 -26.46 -25.24 18.99
C GLY B 167 -25.95 -23.81 18.84
N THR B 168 -25.74 -23.14 19.98
CA THR B 168 -25.24 -21.77 19.96
C THR B 168 -23.73 -21.79 19.95
N ALA B 169 -23.12 -20.81 19.30
CA ALA B 169 -21.67 -20.74 19.20
C ALA B 169 -21.12 -19.54 19.95
N ASN B 170 -19.87 -19.59 20.35
CA ASN B 170 -19.20 -18.50 21.01
C ASN B 170 -18.59 -17.55 19.99
N ALA B 171 -18.09 -18.08 18.86
CA ALA B 171 -17.39 -17.28 17.87
C ALA B 171 -17.80 -17.68 16.44
N THR B 172 -17.40 -16.90 15.42
CA THR B 172 -17.76 -17.22 14.05
C THR B 172 -16.67 -16.90 13.06
N VAL B 173 -16.68 -17.65 11.95
CA VAL B 173 -15.80 -17.43 10.82
C VAL B 173 -16.69 -17.26 9.60
N VAL B 174 -16.49 -16.19 8.84
CA VAL B 174 -17.18 -16.00 7.59
C VAL B 174 -16.15 -16.32 6.51
N VAL B 175 -16.39 -17.35 5.70
CA VAL B 175 -15.45 -17.79 4.67
C VAL B 175 -15.91 -17.35 3.29
N THR B 176 -15.00 -16.74 2.53
CA THR B 176 -15.26 -16.26 1.17
C THR B 176 -14.29 -17.00 0.19
N GLY B 177 -14.40 -16.69 -1.10
CA GLY B 177 -13.47 -17.16 -2.10
C GLY B 177 -12.32 -16.17 -2.20
N GLY B 178 -11.72 -16.10 -3.37
CA GLY B 178 -10.59 -15.21 -3.63
C GLY B 178 -11.05 -13.87 -4.17
N ALA B 179 -10.45 -13.45 -5.28
CA ALA B 179 -10.80 -12.19 -5.89
C ALA B 179 -12.21 -12.24 -6.48
N LEU B 180 -12.89 -11.10 -6.48
CA LEU B 180 -14.20 -10.95 -7.10
C LEU B 180 -14.00 -10.26 -8.45
N SER B 181 -14.71 -10.71 -9.50
CA SER B 181 -14.57 -10.18 -10.86
C SER B 181 -15.24 -8.85 -11.09
N THR B 182 -16.33 -8.57 -10.36
CA THR B 182 -17.04 -7.30 -10.54
C THR B 182 -17.22 -6.58 -9.22
N ASP B 183 -17.15 -5.26 -9.26
CA ASP B 183 -17.37 -4.41 -8.10
C ASP B 183 -18.74 -3.75 -8.08
N ALA B 184 -19.41 -3.70 -9.24
CA ALA B 184 -20.69 -3.05 -9.44
C ALA B 184 -21.79 -3.40 -8.45
N GLY B 185 -21.83 -4.65 -7.98
CA GLY B 185 -22.88 -5.08 -7.07
C GLY B 185 -22.62 -4.90 -5.59
N ASN B 186 -21.40 -4.48 -5.23
CA ASN B 186 -20.99 -4.27 -3.84
C ASN B 186 -21.14 -5.53 -3.00
N GLN B 187 -20.89 -6.70 -3.60
CA GLN B 187 -21.02 -7.99 -2.93
C GLN B 187 -19.94 -8.21 -1.85
N GLY B 188 -18.78 -7.59 -2.03
CA GLY B 188 -17.75 -7.64 -1.02
C GLY B 188 -18.16 -6.73 0.13
N VAL B 189 -18.72 -5.56 -0.18
CA VAL B 189 -19.22 -4.63 0.83
C VAL B 189 -20.30 -5.31 1.71
N SER B 190 -21.29 -5.96 1.10
CA SER B 190 -22.36 -6.61 1.86
C SER B 190 -21.85 -7.71 2.80
N VAL B 191 -20.86 -8.50 2.36
CA VAL B 191 -20.30 -9.56 3.20
C VAL B 191 -19.44 -8.99 4.35
N ALA B 192 -18.71 -7.88 4.08
CA ALA B 192 -17.93 -7.21 5.13
C ALA B 192 -18.90 -6.62 6.17
N ARG B 193 -20.00 -6.01 5.72
CA ARG B 193 -21.01 -5.44 6.62
C ARG B 193 -21.72 -6.53 7.42
N PHE B 194 -21.95 -7.70 6.80
CA PHE B 194 -22.56 -8.86 7.46
C PHE B 194 -21.64 -9.32 8.61
N ALA B 195 -20.35 -9.49 8.32
CA ALA B 195 -19.37 -9.92 9.32
C ALA B 195 -19.26 -8.90 10.45
N ALA B 196 -19.23 -7.59 10.11
CA ALA B 196 -19.16 -6.52 11.11
C ALA B 196 -20.38 -6.53 12.03
N ALA B 197 -21.57 -6.86 11.50
CA ALA B 197 -22.78 -6.90 12.33
C ALA B 197 -22.84 -8.13 13.25
N LEU B 198 -22.18 -9.22 12.87
CA LEU B 198 -22.08 -10.45 13.69
C LEU B 198 -21.17 -10.20 14.89
N ALA B 199 -20.11 -9.38 14.73
CA ALA B 199 -19.09 -9.12 15.74
C ALA B 199 -19.62 -8.79 17.16
N PRO B 200 -20.53 -7.81 17.39
CA PRO B 200 -20.99 -7.58 18.78
C PRO B 200 -21.88 -8.68 19.35
N ARG B 201 -22.33 -9.64 18.52
CA ARG B 201 -23.23 -10.70 19.00
C ARG B 201 -22.52 -11.94 19.58
N GLY B 202 -21.19 -11.98 19.48
CA GLY B 202 -20.43 -13.09 20.01
C GLY B 202 -19.11 -12.64 20.63
N SER B 203 -18.24 -13.62 20.85
CA SER B 203 -16.91 -13.41 21.44
C SER B 203 -15.78 -13.27 20.41
N GLY B 204 -16.11 -13.19 19.13
CA GLY B 204 -15.11 -13.04 18.09
C GLY B 204 -15.61 -13.40 16.72
N THR B 205 -15.32 -12.54 15.72
CA THR B 205 -15.69 -12.75 14.33
C THR B 205 -14.47 -12.62 13.43
N LEU B 206 -14.19 -13.62 12.59
CA LEU B 206 -13.07 -13.56 11.64
C LEU B 206 -13.60 -13.72 10.23
N LEU B 207 -13.16 -12.85 9.31
CA LEU B 207 -13.53 -12.92 7.89
C LEU B 207 -12.31 -13.53 7.16
N ALA B 208 -12.46 -14.69 6.55
CA ALA B 208 -11.36 -15.38 5.89
C ALA B 208 -11.63 -15.59 4.42
N GLY B 209 -10.69 -15.20 3.58
CA GLY B 209 -10.81 -15.39 2.15
C GLY B 209 -9.59 -16.06 1.55
N ARG B 210 -9.69 -16.46 0.28
CA ARG B 210 -8.60 -17.10 -0.45
C ARG B 210 -7.69 -16.03 -1.04
N ASP B 211 -6.52 -16.43 -1.57
CA ASP B 211 -5.57 -15.53 -2.22
C ASP B 211 -6.29 -14.71 -3.33
N GLY B 212 -6.12 -13.40 -3.27
CA GLY B 212 -6.82 -12.45 -4.11
C GLY B 212 -7.91 -11.70 -3.34
N SER B 213 -8.34 -12.22 -2.16
CA SER B 213 -9.39 -11.58 -1.35
C SER B 213 -8.92 -10.27 -0.73
N ALA B 214 -7.60 -10.01 -0.66
CA ALA B 214 -7.07 -8.76 -0.12
C ALA B 214 -7.09 -7.61 -1.16
N ASN B 215 -7.63 -7.85 -2.37
CA ASN B 215 -7.77 -6.85 -3.41
C ASN B 215 -9.24 -6.53 -3.54
N ARG B 216 -9.57 -5.24 -3.77
CA ARG B 216 -10.96 -4.86 -3.98
C ARG B 216 -11.48 -5.53 -5.27
N PRO B 217 -12.78 -5.84 -5.33
CA PRO B 217 -13.82 -5.47 -4.36
C PRO B 217 -14.15 -6.53 -3.32
N ALA B 218 -13.29 -7.54 -3.13
CA ALA B 218 -13.59 -8.63 -2.17
C ALA B 218 -13.75 -8.10 -0.75
N ALA B 219 -14.53 -8.81 0.05
CA ALA B 219 -14.86 -8.46 1.44
C ALA B 219 -13.66 -8.23 2.36
N VAL B 220 -12.60 -9.06 2.25
CA VAL B 220 -11.41 -8.89 3.09
C VAL B 220 -10.77 -7.53 2.82
N ALA B 221 -10.68 -7.14 1.53
CA ALA B 221 -10.13 -5.84 1.14
C ALA B 221 -10.98 -4.66 1.64
N VAL B 222 -12.30 -4.74 1.53
CA VAL B 222 -13.20 -3.68 2.01
C VAL B 222 -13.04 -3.50 3.53
N THR B 223 -12.92 -4.62 4.26
CA THR B 223 -12.71 -4.58 5.70
C THR B 223 -11.40 -3.88 6.07
N ARG B 224 -10.29 -4.27 5.44
CA ARG B 224 -8.96 -3.71 5.73
C ARG B 224 -8.79 -2.26 5.34
N ALA B 225 -9.53 -1.79 4.35
CA ALA B 225 -9.47 -0.38 3.94
C ALA B 225 -10.35 0.55 4.82
N ASP B 226 -11.20 -0.03 5.68
CA ASP B 226 -12.11 0.76 6.50
C ASP B 226 -11.67 0.68 7.96
N ALA B 227 -11.25 1.79 8.56
CA ALA B 227 -10.77 1.82 9.94
C ALA B 227 -11.72 1.20 10.98
N ASP B 228 -13.04 1.38 10.81
CA ASP B 228 -14.03 0.84 11.75
C ASP B 228 -14.13 -0.64 11.67
N MET B 229 -14.24 -1.12 10.44
CA MET B 229 -14.34 -2.55 10.18
C MET B 229 -13.04 -3.26 10.53
N ALA B 230 -11.90 -2.67 10.20
CA ALA B 230 -10.58 -3.25 10.53
C ALA B 230 -10.33 -3.36 12.04
N ALA B 231 -10.98 -2.53 12.84
CA ALA B 231 -10.85 -2.58 14.31
C ALA B 231 -11.85 -3.52 14.98
N GLU B 232 -12.83 -4.01 14.24
CA GLU B 232 -13.90 -4.83 14.81
C GLU B 232 -13.75 -6.32 14.54
N ILE B 233 -13.25 -6.70 13.35
CA ILE B 233 -13.11 -8.12 13.04
C ILE B 233 -11.70 -8.44 12.57
N SER B 234 -11.28 -9.68 12.76
CA SER B 234 -10.00 -10.12 12.27
C SER B 234 -10.18 -10.63 10.83
N THR B 235 -9.09 -10.69 10.08
CA THR B 235 -9.16 -11.21 8.72
C THR B 235 -7.98 -12.10 8.43
N VAL B 236 -8.18 -13.07 7.52
CA VAL B 236 -7.15 -13.94 6.98
C VAL B 236 -7.37 -13.89 5.47
N ASP B 237 -6.33 -13.64 4.68
CA ASP B 237 -6.50 -13.50 3.23
C ASP B 237 -6.00 -14.69 2.42
N ASP B 238 -5.52 -15.76 3.08
CA ASP B 238 -4.96 -16.89 2.36
C ASP B 238 -5.48 -18.24 2.89
N ILE B 239 -6.81 -18.40 3.01
CA ILE B 239 -7.44 -19.62 3.48
C ILE B 239 -7.27 -20.82 2.52
N ASP B 240 -6.80 -20.57 1.30
CA ASP B 240 -6.48 -21.63 0.34
C ASP B 240 -5.19 -22.37 0.78
N ALA B 241 -4.36 -21.74 1.62
CA ALA B 241 -3.10 -22.35 2.06
C ALA B 241 -3.19 -22.82 3.50
N GLU B 242 -2.36 -23.81 3.87
CA GLU B 242 -2.37 -24.31 5.25
C GLU B 242 -2.02 -23.22 6.28
N PRO B 243 -1.05 -22.30 6.05
CA PRO B 243 -0.81 -21.23 7.04
C PRO B 243 -2.07 -20.41 7.36
N GLY B 244 -2.86 -20.12 6.33
CA GLY B 244 -4.10 -19.36 6.48
C GLY B 244 -5.18 -20.12 7.22
N ARG B 245 -5.33 -21.43 6.93
CA ARG B 245 -6.32 -22.24 7.64
C ARG B 245 -5.99 -22.34 9.13
N ILE B 246 -4.71 -22.48 9.47
CA ILE B 246 -4.27 -22.56 10.86
C ILE B 246 -4.45 -21.23 11.54
N THR B 247 -4.09 -20.14 10.84
CA THR B 247 -4.20 -18.78 11.37
C THR B 247 -5.63 -18.43 11.72
N VAL B 248 -6.64 -18.96 11.03
CA VAL B 248 -8.05 -18.71 11.39
C VAL B 248 -8.29 -19.11 12.86
N ILE B 249 -7.79 -20.28 13.26
CA ILE B 249 -7.96 -20.78 14.62
C ILE B 249 -7.15 -19.96 15.62
N LEU B 250 -5.88 -19.66 15.30
CA LEU B 250 -5.04 -18.88 16.20
C LEU B 250 -5.60 -17.47 16.43
N ALA B 251 -6.03 -16.80 15.35
CA ALA B 251 -6.60 -15.46 15.43
C ALA B 251 -7.96 -15.49 16.15
N LEU B 252 -8.73 -16.57 15.99
CA LEU B 252 -10.02 -16.75 16.69
C LEU B 252 -9.74 -16.89 18.20
N HIS B 253 -8.67 -17.63 18.56
CA HIS B 253 -8.26 -17.79 19.96
C HIS B 253 -7.94 -16.41 20.58
N ASP B 254 -7.27 -15.53 19.82
CA ASP B 254 -6.92 -14.19 20.31
C ASP B 254 -8.13 -13.30 20.49
N LEU B 255 -9.15 -13.44 19.65
CA LEU B 255 -10.36 -12.64 19.78
C LEU B 255 -11.12 -13.09 21.02
N ILE B 256 -11.32 -14.41 21.16
CA ILE B 256 -12.08 -14.96 22.28
C ILE B 256 -11.39 -14.74 23.63
N ASN B 257 -10.09 -15.03 23.70
CA ASN B 257 -9.38 -14.94 24.97
C ASN B 257 -8.77 -13.59 25.29
N GLY B 258 -8.34 -12.85 24.29
CA GLY B 258 -7.70 -11.55 24.53
C GLY B 258 -8.43 -10.32 24.01
N GLY B 259 -9.32 -10.51 23.04
CA GLY B 259 -10.06 -9.41 22.41
C GLY B 259 -9.33 -8.70 21.28
N HIS B 260 -8.06 -9.07 21.03
CA HIS B 260 -7.19 -8.45 20.03
C HIS B 260 -7.51 -8.83 18.55
N VAL B 261 -7.77 -7.81 17.70
CA VAL B 261 -8.01 -7.99 16.27
C VAL B 261 -6.69 -8.01 15.50
N GLY B 262 -6.65 -8.77 14.41
CA GLY B 262 -5.45 -8.85 13.58
C GLY B 262 -5.79 -9.13 12.12
N HIS B 263 -4.90 -8.76 11.20
CA HIS B 263 -5.14 -8.94 9.78
C HIS B 263 -3.97 -9.71 9.23
N TYR B 264 -4.21 -10.93 8.76
CA TYR B 264 -3.14 -11.85 8.42
C TYR B 264 -3.14 -12.41 7.01
N GLY B 265 -1.98 -12.87 6.58
CA GLY B 265 -1.84 -13.50 5.28
C GLY B 265 -0.70 -12.93 4.49
N THR B 266 -0.85 -12.89 3.17
CA THR B 266 0.21 -12.44 2.24
C THR B 266 -0.20 -11.28 1.34
N GLY B 267 -1.44 -10.82 1.44
CA GLY B 267 -1.96 -9.76 0.58
C GLY B 267 -1.91 -8.38 1.20
N HIS B 268 -2.40 -7.39 0.48
CA HIS B 268 -2.42 -6.00 0.93
C HIS B 268 -3.12 -5.84 2.29
N GLY B 269 -2.47 -5.11 3.19
CA GLY B 269 -3.03 -4.84 4.51
C GLY B 269 -2.75 -5.89 5.56
N ALA B 270 -2.08 -7.00 5.19
CA ALA B 270 -1.74 -8.03 6.18
C ALA B 270 -0.58 -7.52 7.02
N MET B 271 -0.69 -7.58 8.35
CA MET B 271 0.37 -7.14 9.24
C MET B 271 1.50 -8.18 9.34
N SER B 272 1.18 -9.46 9.11
CA SER B 272 2.11 -10.60 9.15
C SER B 272 1.40 -11.85 8.60
N VAL B 273 2.16 -12.92 8.32
CA VAL B 273 1.55 -14.15 7.81
C VAL B 273 0.64 -14.76 8.86
N THR B 274 1.06 -14.75 10.13
CA THR B 274 0.25 -15.30 11.22
C THR B 274 0.35 -14.46 12.51
N VAL B 275 -0.32 -14.89 13.62
CA VAL B 275 -0.26 -14.19 14.89
C VAL B 275 1.16 -14.16 15.45
N SER B 276 1.44 -13.18 16.27
CA SER B 276 2.71 -13.08 16.98
C SER B 276 2.34 -13.22 18.45
N GLN B 277 3.01 -14.09 19.21
CA GLN B 277 2.69 -14.30 20.62
C GLN B 277 1.33 -15.01 20.83
N LYS C 4 -6.13 48.64 39.92
CA LYS C 4 -6.19 47.45 40.76
C LYS C 4 -7.19 46.46 40.18
N ARG C 5 -8.41 46.93 39.86
CA ARG C 5 -9.44 46.09 39.25
C ARG C 5 -9.05 45.76 37.80
N ASP C 6 -8.41 46.72 37.10
CA ASP C 6 -7.94 46.53 35.72
C ASP C 6 -6.79 45.50 35.67
N LEU C 7 -5.94 45.46 36.70
CA LEU C 7 -4.86 44.49 36.75
C LEU C 7 -5.42 43.08 37.01
N TYR C 8 -6.45 42.98 37.85
CA TYR C 8 -7.10 41.69 38.15
C TYR C 8 -7.85 41.20 36.91
N THR C 9 -8.51 42.11 36.17
CA THR C 9 -9.24 41.78 34.94
C THR C 9 -8.25 41.31 33.88
N GLN C 10 -7.06 41.95 33.78
CA GLN C 10 -6.02 41.57 32.84
C GLN C 10 -5.56 40.14 33.15
N ILE C 11 -5.29 39.83 34.43
CA ILE C 11 -4.86 38.51 34.87
C ILE C 11 -5.91 37.46 34.50
N ASP C 12 -7.18 37.75 34.75
CA ASP C 12 -8.26 36.80 34.40
C ASP C 12 -8.31 36.55 32.90
N ARG C 13 -8.31 37.62 32.09
CA ARG C 13 -8.36 37.49 30.64
C ARG C 13 -7.15 36.73 30.06
N LEU C 14 -5.94 37.05 30.54
CA LEU C 14 -4.72 36.38 30.12
C LEU C 14 -4.72 34.89 30.49
N THR C 15 -5.26 34.59 31.69
CA THR C 15 -5.39 33.21 32.18
C THR C 15 -6.37 32.46 31.29
N ASP C 16 -7.49 33.09 30.92
CA ASP C 16 -8.50 32.49 30.06
C ASP C 16 -7.92 32.17 28.67
N GLN C 17 -7.14 33.11 28.10
CA GLN C 17 -6.50 32.91 26.79
C GLN C 17 -5.46 31.78 26.82
N ARG C 18 -4.56 31.82 27.81
CA ARG C 18 -3.54 30.79 28.02
C ARG C 18 -4.17 29.39 28.24
N ASP C 19 -5.24 29.32 29.07
CA ASP C 19 -5.91 28.07 29.37
C ASP C 19 -6.58 27.50 28.11
N ALA C 20 -7.20 28.35 27.28
CA ALA C 20 -7.85 27.88 26.06
C ALA C 20 -6.82 27.42 25.01
N LEU C 21 -5.65 28.05 24.98
CA LEU C 21 -4.58 27.68 24.04
C LEU C 21 -3.97 26.34 24.41
N ARG C 22 -3.76 26.12 25.73
CA ARG C 22 -3.24 24.86 26.27
C ARG C 22 -4.20 23.72 25.89
N GLU C 23 -5.51 23.96 26.04
CA GLU C 23 -6.53 22.96 25.72
C GLU C 23 -6.53 22.64 24.22
N LYS C 24 -6.42 23.66 23.36
CA LYS C 24 -6.37 23.46 21.92
C LYS C 24 -5.12 22.69 21.52
N LEU C 25 -3.95 23.01 22.13
CA LEU C 25 -2.70 22.29 21.84
C LEU C 25 -2.75 20.84 22.32
N SER C 26 -3.27 20.57 23.52
CA SER C 26 -3.40 19.18 24.02
C SER C 26 -4.36 18.41 23.12
N ALA C 27 -5.43 19.06 22.62
CA ALA C 27 -6.36 18.39 21.74
C ALA C 27 -5.69 18.05 20.39
N ALA C 28 -4.87 18.95 19.82
CA ALA C 28 -4.19 18.67 18.56
C ALA C 28 -3.25 17.47 18.68
N ASP C 29 -2.51 17.35 19.81
CA ASP C 29 -1.60 16.22 20.09
C ASP C 29 -2.42 14.93 20.16
N ASN C 30 -3.56 14.96 20.86
CA ASN C 30 -4.41 13.79 20.99
C ASN C 30 -5.04 13.40 19.65
N PHE C 31 -5.50 14.41 18.88
CA PHE C 31 -6.07 14.22 17.56
C PHE C 31 -5.05 13.54 16.65
N ASP C 32 -3.79 14.03 16.65
CA ASP C 32 -2.68 13.50 15.86
C ASP C 32 -2.36 12.03 16.19
N ILE C 33 -2.44 11.67 17.47
CA ILE C 33 -2.20 10.29 17.92
C ILE C 33 -3.30 9.40 17.38
N GLN C 34 -4.57 9.84 17.49
CA GLN C 34 -5.71 9.06 17.01
C GLN C 34 -5.75 8.86 15.49
N VAL C 35 -5.34 9.87 14.69
CA VAL C 35 -5.44 9.75 13.23
C VAL C 35 -4.11 9.47 12.51
N GLY C 36 -3.04 9.21 13.25
CA GLY C 36 -1.73 8.92 12.71
C GLY C 36 -1.74 7.81 11.66
N SER C 37 -2.44 6.69 11.94
CA SER C 37 -2.51 5.55 11.02
C SER C 37 -3.18 5.90 9.71
N ARG C 38 -4.15 6.78 9.74
CA ARG C 38 -4.84 7.22 8.54
C ARG C 38 -3.90 8.05 7.69
N ILE C 39 -3.13 8.96 8.32
CA ILE C 39 -2.21 9.81 7.59
C ILE C 39 -1.11 9.00 6.89
N VAL C 40 -0.51 8.03 7.60
CA VAL C 40 0.59 7.24 7.03
C VAL C 40 0.15 5.96 6.35
N HIS C 41 -1.15 5.76 6.14
CA HIS C 41 -1.64 4.56 5.47
C HIS C 41 -0.92 4.20 4.18
N ASP C 42 -0.34 2.98 4.11
CA ASP C 42 0.39 2.43 2.97
C ASP C 42 1.69 3.18 2.59
N ALA C 43 2.18 4.12 3.41
CA ALA C 43 3.36 4.90 3.03
C ALA C 43 4.69 4.11 2.94
N LEU C 44 4.82 3.03 3.69
CA LEU C 44 6.07 2.25 3.70
C LEU C 44 5.82 0.76 3.44
N VAL C 45 4.80 0.44 2.65
CA VAL C 45 4.46 -0.96 2.34
C VAL C 45 5.64 -1.69 1.69
N GLY C 46 6.01 -2.84 2.26
CA GLY C 46 7.09 -3.67 1.77
C GLY C 46 8.48 -3.13 2.03
N LYS C 47 8.61 -2.02 2.79
CA LYS C 47 9.90 -1.40 3.08
C LYS C 47 10.41 -1.68 4.51
N SER C 48 11.73 -1.77 4.66
CA SER C 48 12.38 -2.03 5.97
C SER C 48 13.20 -0.82 6.35
N VAL C 49 13.18 -0.47 7.61
CA VAL C 49 13.91 0.70 8.11
C VAL C 49 14.83 0.31 9.26
N VAL C 50 16.06 0.81 9.27
CA VAL C 50 16.94 0.61 10.41
C VAL C 50 17.05 1.97 11.14
N ILE C 51 16.93 1.95 12.47
CA ILE C 51 17.01 3.18 13.24
C ILE C 51 18.34 3.30 13.97
N PHE C 52 18.98 4.44 13.89
CA PHE C 52 20.18 4.72 14.68
C PHE C 52 19.79 5.81 15.69
N ARG C 53 20.33 5.77 16.90
CA ARG C 53 20.00 6.78 17.91
C ARG C 53 21.25 7.26 18.62
N THR C 54 21.28 8.55 18.95
CA THR C 54 22.40 9.10 19.68
C THR C 54 22.13 8.95 21.19
N PRO C 55 23.12 9.18 22.07
CA PRO C 55 22.84 9.09 23.52
C PRO C 55 21.74 10.03 24.02
N ASP C 56 21.61 11.23 23.42
CA ASP C 56 20.59 12.17 23.87
C ASP C 56 19.19 11.94 23.24
N ALA C 57 19.02 10.89 22.41
CA ALA C 57 17.71 10.59 21.82
C ALA C 57 16.76 10.03 22.88
N HIS C 58 15.46 10.25 22.73
CA HIS C 58 14.48 9.79 23.73
C HIS C 58 13.83 8.48 23.28
N ASP C 59 13.62 7.56 24.21
CA ASP C 59 12.96 6.27 23.95
C ASP C 59 11.56 6.45 23.38
N ASP C 60 10.76 7.35 23.95
CA ASP C 60 9.38 7.56 23.48
C ASP C 60 9.33 8.08 22.05
N ASP C 61 10.30 8.93 21.65
CA ASP C 61 10.36 9.45 20.28
C ASP C 61 10.64 8.29 19.31
N ILE C 62 11.59 7.41 19.67
CA ILE C 62 11.94 6.26 18.84
C ILE C 62 10.82 5.23 18.79
N ALA C 63 10.11 5.00 19.92
CA ALA C 63 9.00 4.03 19.95
C ALA C 63 7.84 4.56 19.10
N ALA C 64 7.59 5.88 19.11
CA ALA C 64 6.52 6.46 18.30
C ALA C 64 6.87 6.30 16.81
N VAL C 65 8.12 6.57 16.41
CA VAL C 65 8.56 6.35 15.04
C VAL C 65 8.42 4.89 14.61
N SER C 66 8.91 3.93 15.44
CA SER C 66 8.80 2.51 15.10
C SER C 66 7.33 2.08 14.91
N LYS C 67 6.46 2.55 15.79
CA LYS C 67 5.04 2.25 15.72
C LYS C 67 4.44 2.83 14.44
N ILE C 68 4.77 4.08 14.08
CA ILE C 68 4.21 4.71 12.88
C ILE C 68 4.74 4.03 11.61
N VAL C 69 6.00 3.54 11.64
CA VAL C 69 6.55 2.75 10.51
C VAL C 69 5.67 1.51 10.26
N GLY C 70 5.26 0.83 11.33
CA GLY C 70 4.39 -0.34 11.23
C GLY C 70 3.00 0.00 10.77
N GLN C 71 2.44 1.12 11.28
CA GLN C 71 1.11 1.56 10.84
C GLN C 71 1.13 1.91 9.34
N ALA C 72 2.29 2.32 8.79
CA ALA C 72 2.49 2.63 7.39
C ALA C 72 2.77 1.36 6.51
N GLY C 73 2.73 0.17 7.09
CA GLY C 73 2.98 -1.07 6.36
C GLY C 73 4.44 -1.50 6.28
N GLY C 74 5.32 -0.77 6.94
CA GLY C 74 6.75 -1.08 6.95
C GLY C 74 7.19 -1.86 8.16
N ALA C 75 8.50 -2.09 8.28
CA ALA C 75 9.04 -2.81 9.42
C ALA C 75 10.37 -2.25 9.85
N VAL C 76 10.70 -2.32 11.14
CA VAL C 76 11.97 -1.84 11.65
C VAL C 76 12.87 -3.06 11.85
N THR C 77 14.05 -3.08 11.25
CA THR C 77 14.96 -4.23 11.33
C THR C 77 15.76 -4.25 12.61
N ALA C 78 16.18 -3.07 13.09
CA ALA C 78 17.01 -2.97 14.28
C ALA C 78 17.10 -1.52 14.78
N THR C 79 17.45 -1.36 16.06
CA THR C 79 17.71 -0.07 16.65
C THR C 79 19.18 -0.13 17.11
N VAL C 80 20.03 0.66 16.51
CA VAL C 80 21.45 0.68 16.83
C VAL C 80 21.79 1.96 17.58
N SER C 81 22.32 1.83 18.79
CA SER C 81 22.70 2.98 19.58
C SER C 81 24.12 3.38 19.30
N LEU C 82 24.34 4.66 19.03
CA LEU C 82 25.67 5.24 18.88
C LEU C 82 26.06 5.68 20.30
N THR C 83 27.24 5.28 20.76
CA THR C 83 27.67 5.57 22.13
C THR C 83 28.23 7.00 22.31
N GLN C 84 28.52 7.41 23.56
CA GLN C 84 29.15 8.69 23.83
C GLN C 84 30.53 8.77 23.16
N GLU C 85 31.26 7.65 23.09
CA GLU C 85 32.55 7.57 22.40
C GLU C 85 32.38 7.86 20.90
N PHE C 86 31.29 7.36 20.31
CA PHE C 86 30.99 7.59 18.90
C PHE C 86 30.73 9.07 18.62
N VAL C 87 29.79 9.70 19.33
CA VAL C 87 29.42 11.09 19.06
C VAL C 87 30.52 12.08 19.42
N GLU C 88 31.39 11.73 20.38
CA GLU C 88 32.50 12.61 20.73
C GLU C 88 33.52 12.75 19.58
N ALA C 89 33.53 11.80 18.61
CA ALA C 89 34.32 11.77 17.39
C ALA C 89 35.77 12.13 17.60
N ASN C 90 36.38 11.54 18.63
CA ASN C 90 37.80 11.72 18.92
C ASN C 90 38.53 10.36 18.97
N SER C 91 38.05 9.36 18.20
CA SER C 91 38.67 8.03 18.17
C SER C 91 38.78 7.54 16.72
N ALA C 92 39.03 8.46 15.77
CA ALA C 92 39.09 8.15 14.34
C ALA C 92 40.22 7.19 13.99
N GLU C 93 41.36 7.29 14.68
CA GLU C 93 42.49 6.38 14.42
C GLU C 93 42.14 4.97 14.86
N LYS C 94 41.50 4.85 16.03
CA LYS C 94 41.04 3.60 16.60
C LYS C 94 39.99 2.96 15.66
N LEU C 95 39.04 3.76 15.15
CA LEU C 95 38.03 3.24 14.23
C LEU C 95 38.69 2.75 12.94
N ARG C 96 39.71 3.46 12.43
CA ARG C 96 40.45 3.09 11.23
C ARG C 96 41.09 1.70 11.42
N SER C 97 41.65 1.42 12.62
CA SER C 97 42.24 0.13 12.94
C SER C 97 41.22 -1.04 12.96
N VAL C 98 39.90 -0.72 12.99
CA VAL C 98 38.77 -1.65 12.99
C VAL C 98 38.24 -1.81 11.56
N VAL C 99 38.13 -0.70 10.83
CA VAL C 99 37.70 -0.69 9.43
C VAL C 99 38.68 -1.52 8.56
N ASN C 100 39.98 -1.53 8.93
CA ASN C 100 41.01 -2.28 8.25
C ASN C 100 40.96 -3.80 8.52
N SER C 101 40.06 -4.27 9.39
CA SER C 101 39.95 -5.70 9.69
C SER C 101 38.50 -6.18 9.56
N SER C 102 37.79 -5.67 8.54
CA SER C 102 36.41 -6.06 8.32
C SER C 102 36.24 -6.78 6.99
N LYS C 113 44.92 8.03 4.07
CA LYS C 113 44.08 9.15 4.49
C LYS C 113 43.21 8.79 5.67
N LEU C 114 43.31 9.55 6.76
CA LEU C 114 42.47 9.31 7.92
C LEU C 114 41.11 9.96 7.64
N VAL C 115 40.05 9.15 7.53
CA VAL C 115 38.72 9.69 7.24
C VAL C 115 38.02 10.05 8.54
N ASP C 116 37.16 11.09 8.56
CA ASP C 116 36.48 11.47 9.81
C ASP C 116 35.66 10.32 10.35
N GLN C 117 35.57 10.25 11.66
CA GLN C 117 34.92 9.14 12.33
C GLN C 117 33.49 8.88 11.89
N GLY C 118 32.68 9.93 11.81
CA GLY C 118 31.29 9.80 11.38
C GLY C 118 31.16 9.23 9.99
N SER C 119 31.94 9.77 9.02
CA SER C 119 31.89 9.30 7.64
C SER C 119 32.32 7.84 7.52
N GLN C 120 33.45 7.47 8.17
CA GLN C 120 33.91 6.09 8.12
C GLN C 120 32.89 5.13 8.70
N ALA C 121 32.28 5.49 9.82
CA ALA C 121 31.29 4.64 10.47
C ALA C 121 30.01 4.53 9.67
N GLY C 122 29.62 5.63 9.04
CA GLY C 122 28.42 5.66 8.22
C GLY C 122 28.55 4.78 7.00
N ASP C 123 29.74 4.81 6.39
CA ASP C 123 30.00 4.01 5.20
C ASP C 123 30.00 2.51 5.58
N LEU C 124 30.69 2.16 6.66
CA LEU C 124 30.77 0.78 7.14
C LEU C 124 29.39 0.21 7.60
N LEU C 125 28.66 0.94 8.45
CA LEU C 125 27.34 0.51 8.91
C LEU C 125 26.28 0.52 7.80
N GLY C 126 26.45 1.41 6.83
CA GLY C 126 25.57 1.46 5.66
C GLY C 126 25.72 0.20 4.83
N ILE C 127 26.96 -0.22 4.55
CA ILE C 127 27.20 -1.47 3.80
C ILE C 127 26.64 -2.66 4.58
N ALA C 128 26.88 -2.69 5.90
CA ALA C 128 26.44 -3.78 6.73
C ALA C 128 24.93 -3.89 6.99
N LEU C 129 24.22 -2.75 7.09
CA LEU C 129 22.80 -2.78 7.46
C LEU C 129 21.82 -2.34 6.40
N LEU C 130 22.30 -1.75 5.32
CA LEU C 130 21.42 -1.27 4.26
C LEU C 130 21.62 -2.05 2.97
N SER C 131 20.54 -2.18 2.20
CA SER C 131 20.61 -2.81 0.90
C SER C 131 20.78 -1.67 -0.07
N ASN C 132 21.83 -1.76 -0.87
CA ASN C 132 22.15 -0.77 -1.89
C ASN C 132 21.00 -0.71 -2.90
N ALA C 133 20.62 0.51 -3.29
CA ALA C 133 19.56 0.66 -4.29
C ALA C 133 19.89 -0.02 -5.63
N ASP C 134 21.17 -0.30 -5.89
CA ASP C 134 21.57 -0.96 -7.12
C ASP C 134 21.59 -2.51 -7.01
N PRO C 135 20.86 -3.19 -7.90
CA PRO C 135 20.83 -4.67 -7.88
C PRO C 135 22.15 -5.39 -8.11
N ALA C 136 23.12 -4.76 -8.79
CA ALA C 136 24.41 -5.41 -9.06
C ALA C 136 25.41 -5.33 -7.91
N ALA C 137 25.15 -4.47 -6.90
CA ALA C 137 26.00 -4.36 -5.71
C ALA C 137 25.95 -5.71 -4.97
N PRO C 138 27.07 -6.15 -4.37
CA PRO C 138 27.07 -7.47 -3.72
C PRO C 138 26.19 -7.55 -2.48
N THR C 139 25.52 -8.69 -2.29
CA THR C 139 24.69 -8.90 -1.11
C THR C 139 25.63 -9.15 0.08
N VAL C 140 25.37 -8.52 1.22
CA VAL C 140 26.20 -8.74 2.41
C VAL C 140 25.58 -9.90 3.17
N GLU C 141 26.31 -11.00 3.35
CA GLU C 141 25.74 -12.15 4.05
C GLU C 141 25.74 -11.93 5.57
N GLN C 142 24.87 -12.66 6.28
CA GLN C 142 24.69 -12.52 7.73
C GLN C 142 25.99 -12.49 8.53
N ALA C 143 26.93 -13.41 8.28
CA ALA C 143 28.19 -13.47 9.02
C ALA C 143 29.06 -12.22 8.86
N GLN C 144 29.08 -11.62 7.68
CA GLN C 144 29.84 -10.39 7.46
C GLN C 144 29.19 -9.26 8.26
N ARG C 145 27.86 -9.18 8.24
CA ARG C 145 27.12 -8.17 9.01
C ARG C 145 27.39 -8.31 10.50
N ASP C 146 27.23 -9.54 11.04
CA ASP C 146 27.46 -9.81 12.46
C ASP C 146 28.88 -9.49 12.88
N THR C 147 29.87 -9.80 12.03
CA THR C 147 31.28 -9.53 12.33
C THR C 147 31.53 -8.02 12.42
N VAL C 148 30.94 -7.25 11.49
CA VAL C 148 31.10 -5.80 11.50
C VAL C 148 30.48 -5.18 12.76
N LEU C 149 29.25 -5.57 13.07
CA LEU C 149 28.52 -5.09 14.24
C LEU C 149 29.32 -5.40 15.53
N ALA C 150 29.82 -6.64 15.66
CA ALA C 150 30.56 -7.07 16.84
C ALA C 150 31.90 -6.34 16.97
N ALA C 151 32.60 -6.07 15.86
CA ALA C 151 33.86 -5.33 15.93
C ALA C 151 33.59 -3.90 16.44
N LEU C 152 32.52 -3.25 15.95
CA LEU C 152 32.19 -1.90 16.39
C LEU C 152 31.65 -1.87 17.83
N ARG C 153 30.97 -2.94 18.27
CA ARG C 153 30.50 -3.02 19.65
C ARG C 153 31.69 -3.27 20.59
N GLU C 154 32.60 -4.15 20.19
CA GLU C 154 33.78 -4.49 20.99
C GLU C 154 34.69 -3.30 21.21
N THR C 155 34.74 -2.38 20.25
CA THR C 155 35.60 -1.20 20.37
C THR C 155 34.85 0.05 20.91
N GLY C 156 33.63 -0.12 21.42
CA GLY C 156 32.88 0.94 22.07
C GLY C 156 32.10 1.92 21.24
N PHE C 157 31.97 1.66 19.92
CA PHE C 157 31.24 2.59 19.05
C PHE C 157 29.73 2.42 19.07
N ILE C 158 29.23 1.18 19.12
CA ILE C 158 27.78 0.93 19.09
C ILE C 158 27.35 -0.16 20.07
N THR C 159 26.03 -0.22 20.35
CA THR C 159 25.27 -1.30 20.98
C THR C 159 24.04 -1.50 20.08
N TYR C 160 23.38 -2.67 20.11
CA TYR C 160 22.24 -2.87 19.20
C TYR C 160 21.20 -3.85 19.70
N GLN C 161 19.96 -3.64 19.26
CA GLN C 161 18.82 -4.48 19.58
C GLN C 161 18.07 -4.77 18.29
N PRO C 162 17.77 -6.04 17.98
CA PRO C 162 18.15 -7.25 18.74
C PRO C 162 19.63 -7.62 18.57
N ARG C 163 20.14 -8.54 19.40
CA ARG C 163 21.54 -8.96 19.29
C ARG C 163 21.71 -9.95 18.13
N ASP C 164 20.72 -10.81 17.92
CA ASP C 164 20.78 -11.82 16.86
C ASP C 164 19.96 -11.48 15.62
N ARG C 165 20.38 -12.06 14.47
CA ARG C 165 19.74 -12.06 13.16
C ARG C 165 19.15 -10.72 12.67
N ILE C 166 19.96 -9.65 12.72
CA ILE C 166 19.50 -8.37 12.17
C ILE C 166 19.50 -8.49 10.67
N GLY C 167 18.35 -8.24 10.05
CA GLY C 167 18.25 -8.29 8.60
C GLY C 167 18.70 -7.00 7.94
N THR C 168 18.66 -6.96 6.62
CA THR C 168 19.05 -5.78 5.87
C THR C 168 17.83 -4.85 5.70
N ALA C 169 18.07 -3.54 5.72
CA ALA C 169 17.00 -2.56 5.58
C ALA C 169 17.12 -1.74 4.29
N ASN C 170 16.01 -1.18 3.82
CA ASN C 170 16.02 -0.32 2.64
C ASN C 170 16.37 1.13 3.00
N ALA C 171 15.94 1.59 4.17
CA ALA C 171 16.06 3.00 4.53
C ALA C 171 16.52 3.19 5.97
N THR C 172 16.92 4.42 6.35
CA THR C 172 17.33 4.65 7.70
C THR C 172 16.86 5.98 8.25
N VAL C 173 16.66 5.99 9.57
CA VAL C 173 16.32 7.17 10.35
C VAL C 173 17.36 7.27 11.45
N VAL C 174 18.06 8.40 11.52
CA VAL C 174 19.04 8.67 12.57
C VAL C 174 18.34 9.64 13.52
N VAL C 175 18.10 9.23 14.76
CA VAL C 175 17.36 10.03 15.73
C VAL C 175 18.32 10.64 16.76
N THR C 176 18.18 11.95 17.00
CA THR C 176 18.99 12.70 17.95
C THR C 176 18.05 13.32 19.04
N GLY C 177 18.65 14.04 19.99
CA GLY C 177 17.91 14.80 20.98
C GLY C 177 17.65 16.19 20.42
N GLY C 178 17.57 17.17 21.30
CA GLY C 178 17.30 18.54 20.88
C GLY C 178 18.55 19.37 20.73
N ALA C 179 18.55 20.54 21.37
CA ALA C 179 19.67 21.48 21.30
C ALA C 179 20.93 20.92 21.94
N LEU C 180 22.07 21.34 21.41
CA LEU C 180 23.38 20.99 21.97
C LEU C 180 23.99 22.30 22.49
N SER C 181 24.93 22.21 23.43
CA SER C 181 25.64 23.40 23.88
C SER C 181 26.66 23.81 22.79
N THR C 182 27.13 25.08 22.77
CA THR C 182 28.11 25.53 21.77
C THR C 182 29.39 24.68 21.75
N ASP C 183 29.81 24.16 22.92
CA ASP C 183 31.01 23.33 22.99
C ASP C 183 30.79 21.88 22.51
N ALA C 184 29.54 21.52 22.14
CA ALA C 184 29.21 20.18 21.66
C ALA C 184 29.12 20.08 20.13
N GLY C 185 29.78 21.00 19.43
CA GLY C 185 29.82 21.05 17.97
C GLY C 185 30.36 19.78 17.35
N ASN C 186 31.32 19.11 18.03
CA ASN C 186 31.85 17.84 17.58
C ASN C 186 30.77 16.77 17.49
N GLN C 187 29.80 16.79 18.39
CA GLN C 187 28.70 15.83 18.40
C GLN C 187 27.70 16.05 17.27
N GLY C 188 27.44 17.31 16.94
CA GLY C 188 26.50 17.63 15.87
C GLY C 188 27.11 17.27 14.52
N VAL C 189 28.37 17.65 14.34
CA VAL C 189 29.09 17.39 13.10
C VAL C 189 29.28 15.89 12.80
N SER C 190 29.77 15.12 13.80
CA SER C 190 29.98 13.68 13.55
C SER C 190 28.70 12.95 13.20
N VAL C 191 27.56 13.34 13.81
CA VAL C 191 26.29 12.67 13.53
C VAL C 191 25.73 13.07 12.14
N ALA C 192 25.92 14.34 11.74
CA ALA C 192 25.49 14.79 10.40
C ALA C 192 26.33 14.07 9.34
N ARG C 193 27.67 13.95 9.56
CA ARG C 193 28.56 13.25 8.65
C ARG C 193 28.22 11.77 8.57
N PHE C 194 27.85 11.18 9.70
CA PHE C 194 27.45 9.78 9.79
C PHE C 194 26.20 9.55 8.91
N ALA C 195 25.18 10.38 9.10
CA ALA C 195 23.95 10.28 8.31
C ALA C 195 24.22 10.49 6.80
N ALA C 196 25.05 11.48 6.45
CA ALA C 196 25.39 11.73 5.05
C ALA C 196 26.12 10.53 4.41
N ALA C 197 26.95 9.81 5.18
CA ALA C 197 27.67 8.65 4.66
C ALA C 197 26.77 7.41 4.52
N LEU C 198 25.70 7.31 5.30
CA LEU C 198 24.70 6.23 5.18
C LEU C 198 23.88 6.38 3.89
N ALA C 199 23.59 7.64 3.50
CA ALA C 199 22.71 7.96 2.37
C ALA C 199 23.00 7.19 1.07
N PRO C 200 24.23 7.12 0.51
CA PRO C 200 24.40 6.36 -0.75
C PRO C 200 24.33 4.85 -0.59
N ARG C 201 24.28 4.33 0.66
CA ARG C 201 24.26 2.89 0.89
C ARG C 201 22.87 2.25 0.92
N GLY C 202 21.83 3.07 0.89
CA GLY C 202 20.44 2.59 0.87
C GLY C 202 19.54 3.43 -0.03
N SER C 203 18.21 3.33 0.16
CA SER C 203 17.18 4.04 -0.61
C SER C 203 16.71 5.35 0.02
N GLY C 204 17.30 5.78 1.12
CA GLY C 204 16.91 7.01 1.78
C GLY C 204 17.32 7.08 3.23
N THR C 205 17.89 8.23 3.63
CA THR C 205 18.31 8.50 4.99
C THR C 205 17.67 9.81 5.46
N LEU C 206 17.13 9.80 6.68
CA LEU C 206 16.49 10.96 7.28
C LEU C 206 17.08 11.16 8.66
N LEU C 207 17.44 12.40 8.98
CA LEU C 207 18.01 12.76 10.28
C LEU C 207 16.92 13.52 11.06
N ALA C 208 16.47 12.97 12.20
CA ALA C 208 15.38 13.56 12.97
C ALA C 208 15.82 13.92 14.38
N GLY C 209 15.54 15.15 14.78
CA GLY C 209 15.89 15.63 16.10
C GLY C 209 14.70 16.25 16.79
N ARG C 210 14.86 16.52 18.09
CA ARG C 210 13.82 17.14 18.91
C ARG C 210 13.92 18.66 18.79
N ASP C 211 12.91 19.39 19.30
CA ASP C 211 12.87 20.86 19.26
C ASP C 211 14.15 21.43 19.83
N GLY C 212 14.77 22.31 19.06
CA GLY C 212 16.08 22.84 19.40
C GLY C 212 17.17 22.29 18.51
N SER C 213 16.93 21.14 17.84
CA SER C 213 17.93 20.50 16.96
C SER C 213 18.21 21.32 15.69
N ALA C 214 17.31 22.25 15.32
CA ALA C 214 17.52 23.14 14.17
C ALA C 214 18.45 24.33 14.48
N ASN C 215 18.97 24.42 15.70
CA ASN C 215 19.90 25.48 16.09
C ASN C 215 21.25 24.88 16.15
N ARG C 216 22.25 25.63 15.69
CA ARG C 216 23.63 25.19 15.75
C ARG C 216 24.05 24.99 17.22
N PRO C 217 24.94 24.02 17.54
CA PRO C 217 25.67 23.12 16.64
C PRO C 217 25.03 21.73 16.44
N ALA C 218 23.72 21.59 16.69
CA ALA C 218 23.08 20.27 16.59
C ALA C 218 23.12 19.71 15.16
N ALA C 219 23.14 18.37 15.01
CA ALA C 219 23.25 17.68 13.72
C ALA C 219 22.27 18.14 12.66
N VAL C 220 20.98 18.37 13.02
CA VAL C 220 19.99 18.83 12.05
C VAL C 220 20.39 20.20 11.50
N ALA C 221 20.84 21.10 12.38
CA ALA C 221 21.28 22.43 11.98
C ALA C 221 22.52 22.36 11.07
N VAL C 222 23.47 21.48 11.39
CA VAL C 222 24.69 21.31 10.59
C VAL C 222 24.32 20.87 9.17
N THR C 223 23.41 19.90 9.07
CA THR C 223 22.93 19.37 7.80
C THR C 223 22.27 20.46 6.94
N ARG C 224 21.34 21.25 7.53
CA ARG C 224 20.61 22.29 6.82
C ARG C 224 21.51 23.44 6.35
N ALA C 225 22.58 23.72 7.06
CA ALA C 225 23.49 24.81 6.67
C ALA C 225 24.56 24.37 5.64
N ASP C 226 24.63 23.08 5.31
CA ASP C 226 25.62 22.58 4.37
C ASP C 226 24.93 22.18 3.09
N ALA C 227 25.19 22.88 1.97
CA ALA C 227 24.56 22.65 0.66
C ALA C 227 24.54 21.21 0.20
N ASP C 228 25.63 20.49 0.42
CA ASP C 228 25.77 19.10 0.01
C ASP C 228 24.93 18.15 0.84
N MET C 229 25.02 18.28 2.17
CA MET C 229 24.25 17.41 3.05
C MET C 229 22.76 17.71 2.92
N ALA C 230 22.37 19.01 2.85
CA ALA C 230 20.96 19.37 2.72
C ALA C 230 20.32 18.79 1.47
N ALA C 231 21.12 18.52 0.43
CA ALA C 231 20.60 17.94 -0.80
C ALA C 231 20.60 16.38 -0.77
N GLU C 232 21.24 15.77 0.21
CA GLU C 232 21.42 14.32 0.28
C GLU C 232 20.46 13.62 1.26
N ILE C 233 20.15 14.28 2.39
CA ILE C 233 19.29 13.65 3.39
C ILE C 233 18.15 14.56 3.80
N SER C 234 17.02 13.97 4.19
CA SER C 234 15.91 14.75 4.69
C SER C 234 16.10 14.97 6.20
N THR C 235 15.44 16.01 6.74
CA THR C 235 15.50 16.26 8.18
C THR C 235 14.15 16.60 8.73
N VAL C 236 13.95 16.30 10.03
CA VAL C 236 12.76 16.66 10.81
C VAL C 236 13.34 17.25 12.10
N ASP C 237 12.88 18.44 12.51
CA ASP C 237 13.46 19.07 13.69
C ASP C 237 12.57 19.03 14.93
N ASP C 238 11.40 18.38 14.86
CA ASP C 238 10.47 18.36 15.99
C ASP C 238 9.93 16.95 16.27
N ILE C 239 10.82 15.95 16.40
CA ILE C 239 10.44 14.55 16.67
C ILE C 239 9.83 14.34 18.07
N ASP C 240 9.92 15.35 18.94
CA ASP C 240 9.29 15.32 20.26
C ASP C 240 7.77 15.51 20.13
N ALA C 241 7.29 16.06 19.01
CA ALA C 241 5.87 16.31 18.80
C ALA C 241 5.29 15.29 17.81
N GLU C 242 3.97 15.05 17.90
CA GLU C 242 3.32 14.10 16.99
C GLU C 242 3.45 14.52 15.52
N PRO C 243 3.31 15.81 15.12
CA PRO C 243 3.52 16.16 13.70
C PRO C 243 4.90 15.75 13.17
N GLY C 244 5.93 15.89 13.99
CA GLY C 244 7.30 15.50 13.63
C GLY C 244 7.45 14.00 13.50
N ARG C 245 6.86 13.23 14.42
CA ARG C 245 6.95 11.76 14.35
C ARG C 245 6.28 11.23 13.08
N ILE C 246 5.11 11.80 12.74
CA ILE C 246 4.41 11.38 11.52
C ILE C 246 5.17 11.81 10.29
N THR C 247 5.72 13.03 10.30
CA THR C 247 6.50 13.57 9.17
C THR C 247 7.72 12.74 8.87
N VAL C 248 8.31 12.05 9.85
CA VAL C 248 9.47 11.16 9.58
C VAL C 248 9.06 10.08 8.56
N ILE C 249 7.87 9.50 8.74
CA ILE C 249 7.40 8.45 7.85
C ILE C 249 7.04 9.03 6.47
N LEU C 250 6.34 10.17 6.44
CA LEU C 250 5.94 10.78 5.18
C LEU C 250 7.17 11.21 4.36
N ALA C 251 8.14 11.84 5.02
CA ALA C 251 9.36 12.28 4.36
C ALA C 251 10.26 11.09 3.97
N LEU C 252 10.24 10.02 4.75
CA LEU C 252 10.98 8.80 4.40
C LEU C 252 10.34 8.20 3.12
N HIS C 253 8.99 8.20 3.02
CA HIS C 253 8.25 7.72 1.85
C HIS C 253 8.67 8.52 0.61
N ASP C 254 8.76 9.86 0.75
CA ASP C 254 9.15 10.74 -0.36
C ASP C 254 10.61 10.50 -0.81
N LEU C 255 11.48 10.10 0.11
CA LEU C 255 12.87 9.78 -0.18
C LEU C 255 12.94 8.44 -0.95
N ILE C 256 12.38 7.37 -0.41
CA ILE C 256 12.38 6.05 -1.02
C ILE C 256 11.66 6.01 -2.38
N ASN C 257 10.43 6.56 -2.46
CA ASN C 257 9.65 6.48 -3.68
C ASN C 257 9.87 7.57 -4.69
N GLY C 258 10.14 8.79 -4.25
CA GLY C 258 10.29 9.91 -5.17
C GLY C 258 11.67 10.49 -5.31
N GLY C 259 12.62 10.01 -4.51
CA GLY C 259 13.97 10.55 -4.52
C GLY C 259 14.01 12.01 -4.08
N HIS C 260 12.98 12.47 -3.33
CA HIS C 260 12.83 13.85 -2.91
C HIS C 260 13.21 14.12 -1.47
N VAL C 261 14.18 15.03 -1.28
CA VAL C 261 14.67 15.47 0.00
C VAL C 261 13.84 16.66 0.50
N GLY C 262 13.64 16.75 1.80
CA GLY C 262 12.88 17.83 2.39
C GLY C 262 13.33 18.11 3.80
N HIS C 263 13.13 19.34 4.28
CA HIS C 263 13.54 19.74 5.63
C HIS C 263 12.32 20.28 6.34
N TYR C 264 11.88 19.58 7.38
CA TYR C 264 10.59 19.85 8.02
C TYR C 264 10.62 20.17 9.50
N GLY C 265 9.56 20.81 9.96
CA GLY C 265 9.40 21.11 11.37
C GLY C 265 9.06 22.56 11.62
N THR C 266 9.51 23.10 12.75
CA THR C 266 9.20 24.46 13.16
C THR C 266 10.45 25.34 13.39
N GLY C 267 11.63 24.80 13.22
CA GLY C 267 12.86 25.52 13.47
C GLY C 267 13.51 26.10 12.24
N HIS C 268 14.67 26.73 12.41
CA HIS C 268 15.42 27.37 11.33
C HIS C 268 15.73 26.41 10.18
N GLY C 269 15.47 26.86 8.96
CA GLY C 269 15.73 26.05 7.77
C GLY C 269 14.62 25.10 7.37
N ALA C 270 13.52 25.03 8.16
CA ALA C 270 12.41 24.13 7.81
C ALA C 270 11.63 24.82 6.69
N MET C 271 11.34 24.09 5.61
CA MET C 271 10.58 24.66 4.49
C MET C 271 9.06 24.68 4.81
N SER C 272 8.59 23.78 5.70
CA SER C 272 7.20 23.66 6.13
C SER C 272 7.12 22.69 7.33
N VAL C 273 5.96 22.65 8.02
CA VAL C 273 5.79 21.75 9.15
C VAL C 273 5.83 20.29 8.69
N THR C 274 5.24 20.00 7.53
CA THR C 274 5.25 18.63 6.99
C THR C 274 5.34 18.63 5.44
N VAL C 275 5.31 17.42 4.82
CA VAL C 275 5.37 17.29 3.36
C VAL C 275 4.17 17.96 2.67
N SER C 276 4.32 18.26 1.37
CA SER C 276 3.28 18.88 0.56
C SER C 276 2.76 17.88 -0.44
CD CD D . 4.17 8.58 -3.07
CD CD E . 4.63 12.71 -0.55
CD CD F . -14.90 26.66 -31.26
CD CD G . -12.18 -4.56 -26.06
CD CD H . -10.83 24.40 -19.99
CD CD I . -37.73 -15.17 -19.15
CD CD J . 23.65 -1.40 -11.76
CD CD K . 5.92 -4.18 -42.44
CD CD L . 4.55 -10.83 -13.93
CD CD M . 15.03 -8.77 -25.10
CD CD N . -10.20 -25.45 -3.32
CD CD O . 16.71 -29.09 -17.07
CD CD P . -14.89 5.65 12.13
CD CD Q . 11.54 -33.65 -5.90
CD CD R . -1.75 -13.24 -4.12
CD CD S . 12.11 -27.51 -19.42
CD CD T . -3.73 -17.00 24.38
CD CD U . -21.16 -13.05 -6.83
CD CD V . -32.13 -10.15 -7.16
CD CD W . -6.93 -30.76 25.31
CD CD X . -34.73 -10.56 -3.89
CD CD Y . -4.62 -30.48 26.23
CD CD Z . -20.00 -28.56 -1.82
CD CD AA . -4.33 0.13 1.96
CD CD BA . -12.81 24.94 26.10
CD CD CA . 15.97 2.83 26.45
CD CD DA . 14.93 5.96 28.57
CD CD EA . -12.66 34.63 33.23
CD CD FA . 10.58 11.88 25.85
CD CD GA . 29.67 20.14 2.53
CD CD HA . 16.24 31.42 11.56
CD CD IA . 36.76 -6.93 24.72
CD CD JA . 6.05 10.67 25.74
C ACY KA . 3.43 27.04 29.57
O ACY KA . 4.17 26.75 30.56
OXT ACY KA . 2.15 27.24 29.50
CH3 ACY KA . 4.20 27.20 28.28
O1 PG4 LA . 7.64 -2.14 -3.35
C1 PG4 LA . 7.71 -3.00 -2.22
C2 PG4 LA . 8.94 -3.84 -2.23
O2 PG4 LA . 10.10 -3.01 -2.31
C3 PG4 LA . 11.30 -3.69 -2.01
C4 PG4 LA . 12.29 -2.74 -1.40
O3 PG4 LA . 12.57 -1.68 -2.30
C5 PG4 LA . 13.20 -0.59 -1.67
C6 PG4 LA . 13.41 0.51 -2.64
O4 PG4 LA . 12.16 1.09 -2.97
C7 PG4 LA . 12.18 1.72 -4.24
C8 PG4 LA . 10.89 2.43 -4.49
O5 PG4 LA . 9.94 1.60 -5.14
#